data_8F99
#
_entry.id   8F99
#
_cell.length_a   101.481
_cell.length_b   101.481
_cell.length_c   321.539
_cell.angle_alpha   90.00
_cell.angle_beta   90.00
_cell.angle_gamma   120.00
#
_symmetry.space_group_name_H-M   'P 61'
#
loop_
_entity.id
_entity.type
_entity.pdbx_description
1 polymer Procaspase-6
2 non-polymer 5-fluoro-2-({[(3M)-3-(1,3-oxazol-4-yl)pyridin-2-yl]amino}methyl)phenol
3 water water
#
_entity_poly.entity_id   1
_entity_poly.type   'polypeptide(L)'
_entity_poly.pdbx_seq_one_letter_code
;MSSASGLRRGHPAGGEENMTETDAFYKREMFDPAEKYKMDHRRRGIALIFNHERFFWHLTLPERRGTCADRDNLTRRFSD
LGFEVKCFNDLKAEELLLKIHEVSTVSHADADCFVCVFLSHGEGNHIYAYDAKIEIQTLTGLFKGDKCHSLVGKPKIFII
QAARGNQHDVPVIPLDVVDNQTEKLDTNITEVDAASVYTLPAGADFLMCYSVAEGYYSHRETVNGSWYIQDLCEMLGKYG
SSLEFTELLTLVNRKVSQRRVDFCKDPSAIGKKQVPCFASMLTKKLHFFPKSNENLYFQ
;
_entity_poly.pdbx_strand_id   A,B,C,D
#
# COMPACT_ATOMS: atom_id res chain seq x y z
N MET A 30 -42.69 8.51 2.23
CA MET A 30 -42.43 8.92 3.63
C MET A 30 -41.04 9.58 3.76
N PHE A 31 -40.30 9.84 2.66
CA PHE A 31 -38.85 10.20 2.66
C PHE A 31 -38.63 11.68 3.05
N ASP A 32 -37.64 11.96 3.91
CA ASP A 32 -37.50 13.26 4.60
C ASP A 32 -36.08 13.81 4.48
N PRO A 33 -35.85 14.92 3.76
CA PRO A 33 -34.50 15.46 3.59
C PRO A 33 -33.83 16.04 4.85
N ALA A 34 -34.58 16.26 5.94
CA ALA A 34 -34.06 16.88 7.18
C ALA A 34 -34.05 15.84 8.31
N GLU A 35 -34.14 14.55 7.97
CA GLU A 35 -34.20 13.43 8.95
C GLU A 35 -32.95 13.47 9.82
N LYS A 36 -33.12 13.36 11.14
CA LYS A 36 -32.03 13.36 12.16
C LYS A 36 -31.89 11.94 12.73
N TYR A 37 -30.69 11.55 13.13
CA TYR A 37 -30.46 10.36 13.98
C TYR A 37 -31.33 10.54 15.23
N LYS A 38 -31.91 9.45 15.73
CA LYS A 38 -32.72 9.48 16.97
C LYS A 38 -31.75 9.63 18.16
N MET A 39 -31.83 10.76 18.84
CA MET A 39 -30.92 11.11 19.97
C MET A 39 -31.74 11.35 21.23
N ASP A 40 -32.78 10.51 21.46
CA ASP A 40 -33.75 10.56 22.58
C ASP A 40 -33.67 9.26 23.42
N HIS A 41 -32.51 8.58 23.45
CA HIS A 41 -32.27 7.39 24.31
C HIS A 41 -31.98 7.88 25.74
N ARG A 42 -32.02 6.97 26.72
CA ARG A 42 -31.92 7.33 28.16
C ARG A 42 -30.58 8.05 28.41
N ARG A 43 -29.46 7.46 27.97
CA ARG A 43 -28.08 8.02 28.12
C ARG A 43 -27.55 8.41 26.73
N ARG A 44 -26.61 9.35 26.65
CA ARG A 44 -25.97 9.78 25.38
C ARG A 44 -25.12 8.63 24.81
N GLY A 45 -24.29 8.03 25.66
CA GLY A 45 -23.39 6.92 25.27
C GLY A 45 -21.99 7.09 25.80
N ILE A 46 -21.10 6.18 25.42
CA ILE A 46 -19.69 6.15 25.92
C ILE A 46 -18.80 6.92 24.95
N ALA A 47 -17.83 7.68 25.46
CA ALA A 47 -16.70 8.21 24.69
C ALA A 47 -15.41 7.61 25.25
N LEU A 48 -14.83 6.66 24.52
CA LEU A 48 -13.47 6.15 24.80
C LEU A 48 -12.45 7.21 24.43
N ILE A 49 -11.39 7.36 25.22
CA ILE A 49 -10.20 8.15 24.83
C ILE A 49 -8.94 7.35 25.16
N PHE A 50 -8.31 6.77 24.14
CA PHE A 50 -6.98 6.13 24.25
C PHE A 50 -5.93 7.21 24.05
N ASN A 51 -5.13 7.45 25.08
CA ASN A 51 -4.20 8.60 25.16
C ASN A 51 -2.78 8.05 25.31
N HIS A 52 -1.90 8.34 24.35
CA HIS A 52 -0.52 7.78 24.28
C HIS A 52 0.48 8.94 24.31
N GLU A 53 1.29 9.01 25.39
CA GLU A 53 2.29 10.07 25.66
C GLU A 53 3.70 9.52 25.44
N ARG A 54 3.96 8.31 25.93
CA ARG A 54 5.26 7.61 25.82
C ARG A 54 5.05 6.30 25.07
N PHE A 55 6.14 5.72 24.57
CA PHE A 55 6.15 4.44 23.84
C PHE A 55 7.37 3.62 24.24
N PHE A 56 7.22 2.30 24.20
CA PHE A 56 8.30 1.30 24.31
C PHE A 56 9.57 1.78 23.61
N TRP A 57 10.74 1.68 24.29
CA TRP A 57 12.04 2.18 23.77
C TRP A 57 12.19 1.73 22.30
N HIS A 58 12.04 0.43 22.01
CA HIS A 58 12.48 -0.21 20.74
C HIS A 58 11.56 0.13 19.56
N LEU A 59 10.57 1.01 19.75
CA LEU A 59 9.76 1.59 18.65
C LEU A 59 10.43 2.88 18.13
N THR A 60 11.19 3.57 18.98
CA THR A 60 11.92 4.83 18.64
C THR A 60 10.90 5.87 18.19
N LEU A 61 9.90 6.15 19.02
CA LEU A 61 8.88 7.21 18.79
C LEU A 61 9.01 8.22 19.91
N PRO A 62 8.92 9.53 19.60
CA PRO A 62 9.09 10.57 20.62
C PRO A 62 7.89 10.70 21.57
N GLU A 63 8.13 11.21 22.77
CA GLU A 63 7.08 11.67 23.72
C GLU A 63 6.14 12.60 22.95
N ARG A 64 4.85 12.45 23.17
CA ARG A 64 3.84 13.39 22.63
C ARG A 64 3.49 14.38 23.76
N ARG A 65 4.47 15.18 24.20
CA ARG A 65 4.26 16.18 25.28
C ARG A 65 3.14 17.13 24.84
N GLY A 66 2.03 17.17 25.59
CA GLY A 66 0.85 18.01 25.30
C GLY A 66 -0.43 17.17 25.19
N THR A 67 -0.29 15.87 24.93
CA THR A 67 -1.42 14.96 24.65
C THR A 67 -2.37 14.93 25.85
N CYS A 68 -1.89 15.30 27.03
CA CYS A 68 -2.73 15.30 28.26
C CYS A 68 -3.69 16.49 28.22
N ALA A 69 -3.26 17.63 27.69
CA ALA A 69 -4.16 18.79 27.47
C ALA A 69 -5.32 18.32 26.59
N ASP A 70 -4.99 17.64 25.49
CA ASP A 70 -5.98 17.11 24.51
C ASP A 70 -6.98 16.25 25.28
N ARG A 71 -6.49 15.25 26.02
CA ARG A 71 -7.30 14.25 26.77
C ARG A 71 -8.27 14.99 27.71
N ASP A 72 -7.77 15.97 28.46
CA ASP A 72 -8.56 16.68 29.50
C ASP A 72 -9.60 17.57 28.82
N ASN A 73 -9.16 18.35 27.82
CA ASN A 73 -10.05 19.24 27.01
C ASN A 73 -11.17 18.40 26.39
N LEU A 74 -10.84 17.29 25.74
CA LEU A 74 -11.84 16.36 25.15
C LEU A 74 -12.76 15.86 26.27
N THR A 75 -12.19 15.36 27.38
CA THR A 75 -12.96 14.76 28.50
C THR A 75 -14.05 15.73 28.94
N ARG A 76 -13.71 17.01 29.08
CA ARG A 76 -14.63 18.05 29.57
C ARG A 76 -15.75 18.24 28.53
N ARG A 77 -15.40 18.48 27.27
CA ARG A 77 -16.38 18.89 26.23
C ARG A 77 -17.37 17.76 25.97
N PHE A 78 -16.89 16.53 25.94
CA PHE A 78 -17.72 15.33 25.68
C PHE A 78 -18.58 15.04 26.92
N SER A 79 -18.09 15.35 28.12
CA SER A 79 -18.90 15.25 29.36
C SER A 79 -20.07 16.24 29.29
N ASP A 80 -19.80 17.51 29.00
CA ASP A 80 -20.85 18.55 28.95
C ASP A 80 -21.89 18.22 27.86
N LEU A 81 -21.64 17.24 27.00
CA LEU A 81 -22.59 16.81 25.95
C LEU A 81 -23.35 15.55 26.39
N GLY A 82 -22.94 14.95 27.50
CA GLY A 82 -23.70 13.88 28.19
C GLY A 82 -23.05 12.52 28.06
N PHE A 83 -21.82 12.46 27.56
CA PHE A 83 -21.06 11.20 27.37
C PHE A 83 -20.49 10.78 28.72
N GLU A 84 -20.59 9.48 29.01
CA GLU A 84 -19.74 8.78 30.02
C GLU A 84 -18.36 8.65 29.36
N VAL A 85 -17.41 9.51 29.72
CA VAL A 85 -16.05 9.54 29.12
C VAL A 85 -15.15 8.58 29.88
N LYS A 86 -14.51 7.64 29.20
CA LYS A 86 -13.58 6.68 29.84
C LYS A 86 -12.21 6.84 29.16
N CYS A 87 -11.24 7.42 29.87
CA CYS A 87 -9.85 7.67 29.40
C CYS A 87 -8.97 6.46 29.77
N PHE A 88 -7.98 6.14 28.94
CA PHE A 88 -6.99 5.05 29.17
C PHE A 88 -5.62 5.49 28.66
N ASN A 89 -4.65 5.55 29.58
CA ASN A 89 -3.33 6.15 29.37
C ASN A 89 -2.33 5.03 29.05
N ASP A 90 -1.72 5.10 27.87
CA ASP A 90 -0.48 4.37 27.50
C ASP A 90 -0.71 2.85 27.60
N LEU A 91 -1.85 2.37 27.11
CA LEU A 91 -2.16 0.92 27.11
C LEU A 91 -1.25 0.20 26.11
N LYS A 92 -0.84 -1.02 26.45
CA LYS A 92 -0.20 -1.97 25.51
C LYS A 92 -1.29 -2.52 24.59
N ALA A 93 -0.91 -3.13 23.46
CA ALA A 93 -1.83 -3.61 22.41
C ALA A 93 -2.87 -4.52 23.06
N GLU A 94 -2.41 -5.51 23.83
CA GLU A 94 -3.33 -6.48 24.47
C GLU A 94 -4.35 -5.71 25.31
N GLU A 95 -3.90 -4.84 26.20
CA GLU A 95 -4.78 -4.08 27.12
C GLU A 95 -5.81 -3.31 26.29
N LEU A 96 -5.38 -2.67 25.20
CA LEU A 96 -6.24 -1.77 24.40
C LEU A 96 -7.31 -2.60 23.70
N LEU A 97 -6.89 -3.63 22.98
CA LEU A 97 -7.82 -4.56 22.30
C LEU A 97 -8.84 -5.10 23.31
N LEU A 98 -8.43 -5.44 24.53
CA LEU A 98 -9.35 -5.98 25.56
C LEU A 98 -10.36 -4.90 25.94
N LYS A 99 -9.90 -3.68 26.25
CA LYS A 99 -10.81 -2.64 26.80
C LYS A 99 -11.82 -2.26 25.72
N ILE A 100 -11.42 -2.30 24.46
CA ILE A 100 -12.29 -1.83 23.34
C ILE A 100 -13.22 -2.97 22.92
N HIS A 101 -12.79 -4.22 23.02
CA HIS A 101 -13.65 -5.40 22.73
C HIS A 101 -14.72 -5.48 23.83
N GLU A 102 -14.31 -5.29 25.09
CA GLU A 102 -15.23 -5.15 26.25
C GLU A 102 -16.36 -4.22 25.83
N VAL A 103 -16.02 -3.00 25.43
CA VAL A 103 -17.01 -1.91 25.18
C VAL A 103 -17.91 -2.29 24.01
N SER A 104 -17.41 -3.04 23.03
CA SER A 104 -18.19 -3.42 21.83
C SER A 104 -19.25 -4.48 22.17
N THR A 105 -19.05 -5.28 23.22
CA THR A 105 -19.91 -6.44 23.57
C THR A 105 -20.89 -6.08 24.70
N VAL A 106 -20.58 -5.10 25.55
CA VAL A 106 -21.57 -4.43 26.43
C VAL A 106 -22.74 -3.96 25.54
N SER A 107 -23.93 -3.81 26.12
CA SER A 107 -25.14 -3.29 25.43
C SER A 107 -25.10 -1.77 25.41
N HIS A 108 -25.28 -1.17 24.23
CA HIS A 108 -25.52 0.28 23.98
C HIS A 108 -26.99 0.51 23.62
N ALA A 109 -27.85 -0.46 23.89
CA ALA A 109 -29.29 -0.43 23.52
C ALA A 109 -29.93 0.88 23.97
N ASP A 110 -29.57 1.36 25.17
CA ASP A 110 -30.18 2.58 25.80
C ASP A 110 -29.34 3.82 25.50
N ALA A 111 -28.50 3.79 24.46
CA ALA A 111 -27.52 4.87 24.14
C ALA A 111 -27.80 5.47 22.77
N ASP A 112 -27.52 6.77 22.63
CA ASP A 112 -27.72 7.57 21.40
C ASP A 112 -26.67 7.18 20.35
N CYS A 113 -25.41 7.06 20.77
CA CYS A 113 -24.27 6.88 19.85
C CYS A 113 -23.04 6.40 20.62
N PHE A 114 -21.93 6.27 19.91
CA PHE A 114 -20.62 5.88 20.47
C PHE A 114 -19.52 6.74 19.85
N VAL A 115 -18.63 7.25 20.69
CA VAL A 115 -17.44 8.04 20.30
C VAL A 115 -16.20 7.28 20.76
N CYS A 116 -15.16 7.29 19.94
CA CYS A 116 -13.85 6.66 20.26
C CYS A 116 -12.76 7.59 19.75
N VAL A 117 -11.78 7.91 20.59
CA VAL A 117 -10.70 8.89 20.26
C VAL A 117 -9.34 8.27 20.49
N PHE A 118 -8.46 8.40 19.49
CA PHE A 118 -7.04 7.99 19.56
C PHE A 118 -6.15 9.22 19.50
N LEU A 119 -5.37 9.42 20.56
CA LEU A 119 -4.26 10.40 20.65
C LEU A 119 -2.96 9.60 20.69
N SER A 120 -2.31 9.43 19.55
CA SER A 120 -1.06 8.64 19.44
C SER A 120 -0.31 8.99 18.17
N HIS A 121 0.72 8.22 17.87
CA HIS A 121 1.35 8.17 16.54
C HIS A 121 0.60 7.14 15.70
N GLY A 122 0.76 7.19 14.39
CA GLY A 122 0.21 6.20 13.45
C GLY A 122 1.02 6.13 12.19
N GLU A 123 0.64 5.23 11.30
CA GLU A 123 1.25 5.02 9.97
C GLU A 123 0.22 4.24 9.16
N GLY A 124 -0.15 4.75 7.99
CA GLY A 124 -1.04 4.05 7.04
C GLY A 124 -2.37 3.75 7.69
N ASN A 125 -2.68 2.48 7.90
CA ASN A 125 -4.00 2.07 8.42
C ASN A 125 -3.81 1.57 9.85
N HIS A 126 -2.78 2.06 10.54
CA HIS A 126 -2.39 1.64 11.91
C HIS A 126 -2.36 2.84 12.87
N ILE A 127 -2.82 2.61 14.10
CA ILE A 127 -2.57 3.49 15.28
C ILE A 127 -1.52 2.80 16.13
N TYR A 128 -0.71 3.56 16.86
CA TYR A 128 0.29 3.00 17.82
C TYR A 128 -0.33 2.96 19.22
N ALA A 129 -0.37 1.74 19.77
CA ALA A 129 -0.43 1.48 21.22
C ALA A 129 0.98 1.76 21.78
N TYR A 130 1.19 1.51 23.07
CA TYR A 130 2.49 1.68 23.75
C TYR A 130 3.58 0.80 23.10
N ASP A 131 3.24 -0.43 22.70
CA ASP A 131 4.24 -1.49 22.40
C ASP A 131 4.23 -1.93 20.93
N ALA A 132 3.15 -1.72 20.18
CA ALA A 132 3.12 -2.02 18.74
C ALA A 132 1.88 -1.42 18.08
N LYS A 133 1.82 -1.48 16.75
CA LYS A 133 0.74 -0.83 15.97
C LYS A 133 -0.45 -1.78 15.91
N ILE A 134 -1.65 -1.19 15.81
CA ILE A 134 -2.94 -1.92 15.64
C ILE A 134 -3.62 -1.44 14.36
N GLU A 135 -4.14 -2.37 13.59
CA GLU A 135 -4.90 -2.14 12.33
C GLU A 135 -6.19 -1.40 12.70
N ILE A 136 -6.38 -0.16 12.25
CA ILE A 136 -7.57 0.69 12.56
C ILE A 136 -8.86 -0.05 12.17
N GLN A 137 -8.89 -0.70 11.00
CA GLN A 137 -10.07 -1.44 10.51
C GLN A 137 -10.56 -2.43 11.57
N THR A 138 -9.67 -3.06 12.34
CA THR A 138 -10.09 -4.08 13.35
C THR A 138 -10.77 -3.39 14.54
N LEU A 139 -10.40 -2.14 14.85
CA LEU A 139 -11.01 -1.38 15.97
C LEU A 139 -12.39 -0.89 15.56
N THR A 140 -12.54 -0.35 14.35
CA THR A 140 -13.85 0.11 13.80
C THR A 140 -14.71 -1.13 13.54
N GLY A 141 -14.10 -2.19 13.03
CA GLY A 141 -14.74 -3.47 12.70
C GLY A 141 -15.57 -4.03 13.85
N LEU A 142 -15.19 -3.72 15.09
CA LEU A 142 -15.85 -4.27 16.29
C LEU A 142 -17.23 -3.64 16.48
N PHE A 143 -17.49 -2.47 15.88
CA PHE A 143 -18.77 -1.71 16.03
C PHE A 143 -19.61 -1.74 14.75
N LYS A 144 -19.14 -2.43 13.69
CA LYS A 144 -19.90 -2.69 12.43
C LYS A 144 -21.20 -3.39 12.83
N GLY A 145 -22.33 -3.02 12.23
CA GLY A 145 -23.66 -3.54 12.58
C GLY A 145 -23.64 -5.03 12.88
N ASP A 146 -22.99 -5.84 12.04
CA ASP A 146 -22.95 -7.32 12.20
C ASP A 146 -22.56 -7.69 13.64
N LYS A 147 -21.54 -7.02 14.20
CA LYS A 147 -20.82 -7.47 15.42
C LYS A 147 -21.26 -6.70 16.66
N CYS A 148 -22.04 -5.64 16.54
CA CYS A 148 -22.51 -4.82 17.70
C CYS A 148 -23.92 -4.29 17.42
N HIS A 149 -24.94 -5.11 17.76
CA HIS A 149 -26.36 -4.89 17.36
C HIS A 149 -26.90 -3.62 18.02
N SER A 150 -26.57 -3.42 19.29
CA SER A 150 -27.02 -2.26 20.12
C SER A 150 -26.73 -0.92 19.43
N LEU A 151 -25.81 -0.88 18.46
CA LEU A 151 -25.30 0.39 17.84
C LEU A 151 -25.73 0.51 16.36
N VAL A 152 -26.22 -0.57 15.76
CA VAL A 152 -26.81 -0.54 14.39
C VAL A 152 -27.72 0.69 14.28
N GLY A 153 -27.51 1.53 13.26
CA GLY A 153 -28.38 2.66 12.91
C GLY A 153 -28.12 3.87 13.79
N LYS A 154 -27.17 3.77 14.72
CA LYS A 154 -26.74 4.88 15.60
C LYS A 154 -25.35 5.33 15.14
N PRO A 155 -25.01 6.64 15.25
CA PRO A 155 -23.73 7.13 14.78
C PRO A 155 -22.56 6.55 15.59
N LYS A 156 -21.52 6.11 14.88
CA LYS A 156 -20.25 5.65 15.52
C LYS A 156 -19.16 6.61 15.05
N ILE A 157 -18.73 7.53 15.91
CA ILE A 157 -17.76 8.61 15.57
C ILE A 157 -16.39 8.19 16.07
N PHE A 158 -15.39 8.12 15.19
CA PHE A 158 -13.96 8.02 15.56
C PHE A 158 -13.25 9.33 15.27
N ILE A 159 -12.43 9.78 16.22
CA ILE A 159 -11.59 11.00 16.11
C ILE A 159 -10.14 10.58 16.30
N ILE A 160 -9.26 10.92 15.37
CA ILE A 160 -7.88 10.35 15.29
C ILE A 160 -6.89 11.49 15.12
N GLN A 161 -6.12 11.74 16.17
CA GLN A 161 -5.02 12.72 16.20
C GLN A 161 -3.77 11.86 16.18
N ALA A 162 -3.30 11.51 14.99
CA ALA A 162 -2.17 10.58 14.79
C ALA A 162 -1.37 10.97 13.53
N ALA A 163 -0.06 10.93 13.66
CA ALA A 163 0.90 11.26 12.59
C ALA A 163 2.22 10.53 12.89
N ARG A 164 3.27 10.82 12.11
CA ARG A 164 4.61 10.15 12.16
C ARG A 164 5.49 10.87 13.18
N GLY A 165 6.04 10.14 14.16
CA GLY A 165 6.98 10.71 15.15
C GLY A 165 8.31 11.12 14.51
N ASN A 166 8.53 12.43 14.36
CA ASN A 166 9.65 13.02 13.58
C ASN A 166 11.02 12.76 14.24
N GLN A 167 11.12 12.85 15.59
CA GLN A 167 12.38 12.74 16.38
C GLN A 167 13.17 14.03 16.17
N THR A 187 9.00 27.27 27.34
CA THR A 187 8.13 26.26 28.02
C THR A 187 7.27 25.55 26.96
N ASN A 188 6.41 26.30 26.24
CA ASN A 188 5.36 25.81 25.30
C ASN A 188 5.87 25.95 23.86
N ILE A 189 6.56 24.93 23.33
CA ILE A 189 7.01 24.88 21.89
C ILE A 189 5.92 24.19 21.07
N THR A 190 5.87 24.50 19.78
CA THR A 190 4.97 23.86 18.79
C THR A 190 5.76 22.80 18.02
N GLU A 191 5.52 21.50 18.27
CA GLU A 191 6.15 20.38 17.51
C GLU A 191 5.27 20.06 16.30
N VAL A 192 5.89 19.61 15.21
CA VAL A 192 5.20 19.40 13.90
C VAL A 192 5.55 18.01 13.35
N ASP A 193 4.52 17.17 13.16
CA ASP A 193 4.61 15.80 12.57
C ASP A 193 4.03 15.83 11.16
N ALA A 194 4.56 14.99 10.27
CA ALA A 194 4.04 14.82 8.90
C ALA A 194 2.79 13.93 8.97
N ALA A 195 1.72 14.27 8.25
CA ALA A 195 0.54 13.38 8.10
C ALA A 195 1.03 12.00 7.67
N SER A 196 0.48 10.93 8.25
CA SER A 196 0.89 9.54 7.97
C SER A 196 -0.32 8.60 7.92
N VAL A 197 -1.40 8.91 8.65
CA VAL A 197 -2.55 7.98 8.82
C VAL A 197 -3.53 8.23 7.67
N TYR A 198 -3.80 7.17 6.90
CA TYR A 198 -4.80 7.16 5.80
C TYR A 198 -6.15 7.61 6.37
N THR A 199 -6.85 8.46 5.61
CA THR A 199 -8.16 9.03 6.02
C THR A 199 -9.25 8.03 5.62
N LEU A 200 -9.23 6.85 6.27
CA LEU A 200 -10.08 5.68 5.92
C LEU A 200 -11.53 6.03 6.19
N PRO A 201 -12.48 5.40 5.46
CA PRO A 201 -13.88 5.34 5.88
C PRO A 201 -14.04 4.12 6.81
N ALA A 202 -15.23 3.58 7.01
CA ALA A 202 -15.46 2.48 7.97
C ALA A 202 -16.67 1.65 7.54
N GLY A 203 -17.87 2.18 7.76
CA GLY A 203 -19.12 1.45 7.49
C GLY A 203 -20.33 2.33 7.63
N ALA A 204 -21.51 1.80 7.33
CA ALA A 204 -22.77 2.56 7.48
C ALA A 204 -22.77 3.19 8.87
N ASP A 205 -23.02 4.49 8.92
CA ASP A 205 -23.34 5.27 10.14
C ASP A 205 -22.07 5.50 10.96
N PHE A 206 -20.89 5.31 10.36
CA PHE A 206 -19.60 5.77 10.93
C PHE A 206 -19.23 7.17 10.41
N LEU A 207 -18.55 7.93 11.26
CA LEU A 207 -17.94 9.24 10.90
C LEU A 207 -16.49 9.21 11.36
N MET A 208 -15.55 9.10 10.43
CA MET A 208 -14.10 9.09 10.74
C MET A 208 -13.59 10.52 10.63
N CYS A 209 -13.00 11.04 11.71
CA CYS A 209 -12.50 12.43 11.84
C CYS A 209 -10.98 12.40 12.01
N TYR A 210 -10.25 13.20 11.23
CA TYR A 210 -8.78 13.13 11.10
C TYR A 210 -8.16 14.53 11.31
N SER A 211 -7.21 14.61 12.25
CA SER A 211 -6.34 15.78 12.56
C SER A 211 -5.75 16.40 11.28
N VAL A 212 -5.44 15.60 10.26
CA VAL A 212 -4.61 16.04 9.11
C VAL A 212 -4.79 15.10 7.93
N ALA A 213 -4.73 15.63 6.71
CA ALA A 213 -4.86 14.87 5.44
C ALA A 213 -3.50 14.66 4.79
N GLU A 214 -3.41 13.78 3.77
CA GLU A 214 -2.17 13.48 3.01
C GLU A 214 -1.50 14.79 2.58
N GLY A 215 -0.17 14.87 2.68
CA GLY A 215 0.63 15.99 2.20
C GLY A 215 0.67 17.18 3.15
N TYR A 216 -0.20 17.24 4.15
CA TYR A 216 -0.23 18.35 5.15
C TYR A 216 0.52 17.90 6.42
N TYR A 217 0.53 18.75 7.44
CA TYR A 217 1.31 18.57 8.69
C TYR A 217 0.41 18.78 9.91
N SER A 218 0.67 18.02 10.99
CA SER A 218 -0.06 18.09 12.27
C SER A 218 0.79 18.82 13.31
N HIS A 219 0.20 19.77 14.03
CA HIS A 219 0.85 20.63 15.04
C HIS A 219 0.37 20.26 16.45
N ARG A 220 1.29 20.16 17.41
CA ARG A 220 0.99 19.99 18.86
C ARG A 220 1.86 20.95 19.68
N GLU A 221 1.22 21.87 20.41
CA GLU A 221 1.82 22.76 21.46
C GLU A 221 2.02 21.89 22.71
N THR A 222 3.18 21.98 23.38
CA THR A 222 3.59 21.01 24.43
C THR A 222 2.81 21.22 25.74
N VAL A 223 2.03 22.29 25.85
CA VAL A 223 1.23 22.64 27.06
C VAL A 223 -0.25 22.77 26.65
N ASN A 224 -0.52 23.48 25.55
CA ASN A 224 -1.90 23.78 25.08
C ASN A 224 -2.49 22.60 24.31
N GLY A 225 -1.64 21.77 23.69
CA GLY A 225 -2.06 20.52 23.01
C GLY A 225 -2.19 20.68 21.50
N SER A 226 -2.69 19.65 20.83
CA SER A 226 -2.83 19.54 19.36
C SER A 226 -3.73 20.67 18.83
N TRP A 227 -3.33 21.28 17.71
CA TRP A 227 -4.11 22.33 17.02
C TRP A 227 -5.52 21.81 16.71
N TYR A 228 -5.61 20.60 16.16
CA TYR A 228 -6.90 19.96 15.79
C TYR A 228 -7.81 19.91 17.03
N ILE A 229 -7.28 19.39 18.13
CA ILE A 229 -8.07 19.10 19.36
C ILE A 229 -8.48 20.42 20.01
N GLN A 230 -7.57 21.40 20.03
CA GLN A 230 -7.87 22.74 20.59
C GLN A 230 -9.10 23.27 19.86
N ASP A 231 -9.05 23.29 18.52
CA ASP A 231 -10.10 23.92 17.69
C ASP A 231 -11.35 23.03 17.71
N LEU A 232 -11.19 21.71 17.72
CA LEU A 232 -12.36 20.80 17.87
C LEU A 232 -13.09 21.16 19.16
N CYS A 233 -12.33 21.23 20.26
CA CYS A 233 -12.87 21.44 21.62
C CYS A 233 -13.43 22.87 21.74
N GLU A 234 -12.81 23.88 21.12
CA GLU A 234 -13.35 25.26 21.16
C GLU A 234 -14.75 25.19 20.54
N MET A 235 -14.88 24.52 19.40
CA MET A 235 -16.15 24.47 18.63
C MET A 235 -17.18 23.62 19.39
N LEU A 236 -16.75 22.54 20.03
CA LEU A 236 -17.66 21.74 20.90
C LEU A 236 -18.23 22.63 22.00
N GLY A 237 -17.36 23.38 22.69
CA GLY A 237 -17.74 24.33 23.75
C GLY A 237 -18.81 25.28 23.27
N LYS A 238 -18.55 26.01 22.19
CA LYS A 238 -19.46 27.07 21.68
C LYS A 238 -20.70 26.44 21.03
N TYR A 239 -20.55 25.46 20.15
CA TYR A 239 -21.62 25.08 19.19
C TYR A 239 -22.05 23.60 19.30
N GLY A 240 -21.34 22.76 20.07
CA GLY A 240 -21.61 21.31 20.17
C GLY A 240 -23.10 20.99 20.27
N SER A 241 -23.81 21.72 21.15
CA SER A 241 -25.20 21.41 21.57
C SER A 241 -26.25 21.98 20.61
N SER A 242 -25.86 22.83 19.65
CA SER A 242 -26.81 23.43 18.67
C SER A 242 -26.56 22.88 17.26
N LEU A 243 -25.30 22.81 16.82
CA LEU A 243 -24.96 22.58 15.39
C LEU A 243 -24.95 21.09 15.06
N GLU A 244 -25.28 20.79 13.80
CA GLU A 244 -25.08 19.45 13.18
C GLU A 244 -23.58 19.15 13.22
N PHE A 245 -23.20 17.91 13.51
CA PHE A 245 -21.82 17.60 13.91
C PHE A 245 -20.87 17.80 12.73
N THR A 246 -21.27 17.47 11.51
CA THR A 246 -20.44 17.65 10.30
C THR A 246 -20.33 19.14 9.99
N GLU A 247 -21.38 19.94 10.25
CA GLU A 247 -21.32 21.43 10.14
C GLU A 247 -20.19 21.93 11.02
N LEU A 248 -20.12 21.38 12.24
CA LEU A 248 -19.14 21.74 13.28
C LEU A 248 -17.74 21.36 12.82
N LEU A 249 -17.55 20.11 12.41
CA LEU A 249 -16.24 19.56 11.95
C LEU A 249 -15.70 20.43 10.81
N THR A 250 -16.61 20.99 9.98
CA THR A 250 -16.29 21.89 8.85
C THR A 250 -15.70 23.19 9.41
N LEU A 251 -16.30 23.74 10.46
CA LEU A 251 -15.75 24.92 11.18
C LEU A 251 -14.35 24.60 11.66
N VAL A 252 -14.14 23.38 12.17
CA VAL A 252 -12.80 22.93 12.66
C VAL A 252 -11.81 22.97 11.49
N ASN A 253 -12.25 22.54 10.31
CA ASN A 253 -11.41 22.55 9.08
C ASN A 253 -11.03 24.00 8.76
N ARG A 254 -11.99 24.93 8.85
CA ARG A 254 -11.70 26.37 8.62
C ARG A 254 -10.70 26.81 9.71
N LYS A 255 -11.06 26.68 10.99
CA LYS A 255 -10.28 27.18 12.14
C LYS A 255 -8.81 26.77 11.98
N VAL A 256 -8.57 25.51 11.61
CA VAL A 256 -7.21 24.92 11.57
C VAL A 256 -6.49 25.35 10.28
N SER A 257 -7.16 25.32 9.13
CA SER A 257 -6.55 25.73 7.84
C SER A 257 -6.10 27.18 7.95
N GLN A 258 -6.91 28.04 8.59
CA GLN A 258 -6.68 29.48 8.82
C GLN A 258 -5.47 29.74 9.74
N ARG A 259 -5.06 28.79 10.59
CA ARG A 259 -3.87 28.98 11.46
C ARG A 259 -2.65 29.24 10.58
N ARG A 260 -1.97 30.36 10.81
CA ARG A 260 -0.81 30.87 10.02
C ARG A 260 0.44 30.07 10.41
N VAL A 261 1.31 29.83 9.42
CA VAL A 261 2.56 29.04 9.61
C VAL A 261 3.68 29.66 8.77
N ASP A 262 3.72 31.00 8.72
CA ASP A 262 4.74 31.80 7.98
C ASP A 262 5.80 32.34 8.95
N PHE A 263 5.40 32.95 10.07
CA PHE A 263 6.32 33.48 11.13
C PHE A 263 6.41 32.46 12.27
N CYS A 264 7.38 31.54 12.21
CA CYS A 264 7.55 30.36 13.12
C CYS A 264 8.92 30.38 13.81
N LYS A 265 8.98 30.05 15.09
CA LYS A 265 10.24 30.02 15.91
C LYS A 265 11.28 29.11 15.25
N ASP A 266 10.92 27.87 14.88
CA ASP A 266 11.77 26.98 14.06
C ASP A 266 11.67 27.45 12.61
N PRO A 267 12.80 27.78 11.91
CA PRO A 267 12.75 28.11 10.48
C PRO A 267 12.24 26.96 9.58
N SER A 268 12.45 25.70 9.99
CA SER A 268 12.14 24.46 9.20
C SER A 268 10.65 24.08 9.32
N ALA A 269 9.93 24.69 10.27
CA ALA A 269 8.48 24.44 10.52
C ALA A 269 7.62 25.44 9.75
N ILE A 270 8.22 26.23 8.84
CA ILE A 270 7.55 27.30 8.05
C ILE A 270 6.93 26.68 6.80
N GLY A 271 5.70 27.10 6.46
CA GLY A 271 5.01 26.70 5.21
C GLY A 271 4.42 25.29 5.27
N LYS A 272 4.37 24.72 6.47
CA LYS A 272 3.76 23.40 6.77
C LYS A 272 2.32 23.62 7.25
N LYS A 273 1.34 23.72 6.33
CA LYS A 273 -0.08 23.99 6.72
C LYS A 273 -0.70 22.74 7.35
N GLN A 274 -1.74 22.92 8.15
CA GLN A 274 -2.57 21.80 8.65
C GLN A 274 -3.96 21.93 8.04
N VAL A 275 -4.40 20.91 7.30
CA VAL A 275 -5.79 20.74 6.79
C VAL A 275 -6.30 19.40 7.29
N PRO A 276 -7.24 19.42 8.27
CA PRO A 276 -7.90 18.21 8.71
C PRO A 276 -9.01 17.85 7.72
N CYS A 277 -9.53 16.64 7.82
CA CYS A 277 -10.72 16.19 7.06
C CYS A 277 -11.58 15.25 7.89
N PHE A 278 -12.69 14.82 7.30
CA PHE A 278 -13.58 13.77 7.83
C PHE A 278 -14.22 12.99 6.69
N ALA A 279 -14.36 11.68 6.89
CA ALA A 279 -15.05 10.78 5.94
C ALA A 279 -16.39 10.38 6.57
N SER A 280 -17.48 11.03 6.14
CA SER A 280 -18.87 10.76 6.62
C SER A 280 -19.40 9.57 5.82
N MET A 281 -19.95 8.61 6.54
CA MET A 281 -20.76 7.51 5.96
C MET A 281 -22.07 7.51 6.73
N LEU A 282 -22.35 8.64 7.38
CA LEU A 282 -23.60 8.93 8.09
C LEU A 282 -24.73 8.96 7.06
N THR A 283 -25.95 8.73 7.51
CA THR A 283 -27.14 8.62 6.64
C THR A 283 -28.19 9.64 7.09
N LYS A 284 -27.90 10.40 8.14
CA LYS A 284 -28.87 11.35 8.74
C LYS A 284 -28.09 12.51 9.36
N LYS A 285 -28.79 13.59 9.71
CA LYS A 285 -28.23 14.72 10.48
C LYS A 285 -27.94 14.22 11.89
N LEU A 286 -26.87 14.71 12.50
CA LEU A 286 -26.42 14.32 13.86
C LEU A 286 -26.34 15.57 14.70
N HIS A 287 -27.17 15.66 15.75
CA HIS A 287 -27.20 16.79 16.71
C HIS A 287 -27.00 16.25 18.12
N PHE A 288 -26.32 17.01 18.96
CA PHE A 288 -26.10 16.68 20.39
C PHE A 288 -26.86 17.68 21.25
N PHE A 289 -28.17 17.84 20.98
CA PHE A 289 -29.07 18.72 21.77
C PHE A 289 -29.05 18.26 23.23
N PRO A 290 -29.08 19.18 24.21
CA PRO A 290 -29.07 18.80 25.61
C PRO A 290 -30.22 17.82 25.88
N LYS A 291 -29.95 16.74 26.60
CA LYS A 291 -30.98 15.72 26.96
C LYS A 291 -31.77 16.23 28.18
N SER A 292 -33.06 15.93 28.27
CA SER A 292 -33.90 16.23 29.47
C SER A 292 -33.60 15.17 30.54
N ASN A 293 -32.98 15.60 31.65
CA ASN A 293 -32.59 14.74 32.80
C ASN A 293 -33.39 15.17 34.03
N GLU A 294 -34.50 15.87 33.83
CA GLU A 294 -35.30 16.51 34.91
C GLU A 294 -36.23 15.45 35.52
N ASN A 295 -35.76 14.80 36.61
CA ASN A 295 -36.43 13.70 37.36
C ASN A 295 -36.38 12.42 36.51
N LEU A 296 -35.17 12.00 36.11
CA LEU A 296 -34.89 10.77 35.32
C LEU A 296 -33.57 10.15 35.80
N TYR A 297 -33.44 8.83 35.68
CA TYR A 297 -32.20 8.05 35.94
C TYR A 297 -31.45 7.85 34.61
N PHE A 298 -30.23 8.41 34.49
CA PHE A 298 -29.37 8.42 33.26
C PHE A 298 -28.01 7.74 33.50
N GLN A 299 -27.90 6.87 34.52
CA GLN A 299 -26.69 6.08 34.91
C GLN A 299 -26.89 4.60 34.51
N MET B 30 -14.59 38.57 14.15
CA MET B 30 -16.05 38.31 13.97
C MET B 30 -16.23 36.98 13.23
N PHE B 31 -15.91 35.87 13.90
CA PHE B 31 -16.04 34.46 13.42
C PHE B 31 -17.50 34.00 13.37
N ASP B 32 -17.90 33.28 12.31
CA ASP B 32 -19.32 33.01 11.99
C ASP B 32 -19.57 31.52 11.74
N PRO B 33 -20.33 30.82 12.60
CA PRO B 33 -20.57 29.40 12.44
C PRO B 33 -21.43 28.97 11.23
N ALA B 34 -22.11 29.90 10.58
CA ALA B 34 -23.03 29.61 9.45
C ALA B 34 -22.44 30.18 8.14
N GLU B 35 -21.15 30.49 8.13
CA GLU B 35 -20.45 31.07 6.97
C GLU B 35 -20.59 30.14 5.76
N LYS B 36 -20.98 30.69 4.60
CA LYS B 36 -21.15 29.96 3.32
C LYS B 36 -20.03 30.34 2.36
N TYR B 37 -19.63 29.42 1.47
CA TYR B 37 -18.78 29.75 0.31
C TYR B 37 -19.52 30.84 -0.48
N LYS B 38 -18.78 31.79 -1.03
CA LYS B 38 -19.38 32.88 -1.85
C LYS B 38 -19.76 32.28 -3.20
N MET B 39 -21.06 32.25 -3.50
CA MET B 39 -21.62 31.63 -4.73
C MET B 39 -22.39 32.69 -5.52
N ASP B 40 -21.83 33.91 -5.61
CA ASP B 40 -22.41 35.12 -6.28
C ASP B 40 -21.46 35.59 -7.41
N HIS B 41 -20.67 34.70 -8.00
CA HIS B 41 -19.81 35.00 -9.19
C HIS B 41 -20.69 35.01 -10.45
N ARG B 42 -20.19 35.53 -11.58
CA ARG B 42 -20.99 35.74 -12.81
C ARG B 42 -21.55 34.39 -13.28
N ARG B 43 -20.70 33.37 -13.43
CA ARG B 43 -21.06 31.99 -13.87
C ARG B 43 -20.87 31.03 -12.67
N ARG B 44 -21.59 29.90 -12.68
CA ARG B 44 -21.46 28.85 -11.63
C ARG B 44 -20.09 28.19 -11.71
N GLY B 45 -19.69 27.79 -12.93
CA GLY B 45 -18.40 27.12 -13.17
C GLY B 45 -18.53 25.91 -14.09
N ILE B 46 -17.43 25.21 -14.30
CA ILE B 46 -17.36 24.05 -15.23
C ILE B 46 -17.62 22.76 -14.44
N ALA B 47 -18.37 21.83 -15.02
CA ALA B 47 -18.43 20.42 -14.59
C ALA B 47 -17.88 19.53 -15.69
N LEU B 48 -16.65 19.03 -15.50
CA LEU B 48 -16.07 17.97 -16.35
C LEU B 48 -16.79 16.65 -16.06
N ILE B 49 -17.04 15.86 -17.09
CA ILE B 49 -17.47 14.44 -16.94
C ILE B 49 -16.63 13.57 -17.87
N PHE B 50 -15.67 12.85 -17.34
CA PHE B 50 -14.91 11.79 -18.07
C PHE B 50 -15.71 10.49 -17.94
N ASN B 51 -16.18 9.98 -19.07
CA ASN B 51 -17.13 8.86 -19.13
C ASN B 51 -16.48 7.72 -19.91
N HIS B 52 -16.29 6.57 -19.27
CA HIS B 52 -15.53 5.41 -19.83
C HIS B 52 -16.47 4.19 -19.87
N GLU B 53 -16.77 3.73 -21.09
CA GLU B 53 -17.71 2.61 -21.39
C GLU B 53 -16.91 1.38 -21.81
N ARG B 54 -15.91 1.57 -22.67
CA ARG B 54 -15.04 0.52 -23.23
C ARG B 54 -13.59 0.83 -22.84
N PHE B 55 -12.73 -0.18 -22.93
CA PHE B 55 -11.28 -0.07 -22.63
C PHE B 55 -10.48 -0.91 -23.64
N PHE B 56 -9.27 -0.44 -23.91
CA PHE B 56 -8.21 -1.16 -24.65
C PHE B 56 -8.24 -2.67 -24.32
N TRP B 57 -8.21 -3.53 -25.34
CA TRP B 57 -8.29 -5.01 -25.18
C TRP B 57 -7.36 -5.44 -24.04
N HIS B 58 -6.07 -5.06 -24.08
CA HIS B 58 -4.97 -5.65 -23.26
C HIS B 58 -5.02 -5.19 -21.80
N LEU B 59 -6.05 -4.46 -21.40
CA LEU B 59 -6.33 -4.15 -19.96
C LEU B 59 -7.25 -5.23 -19.37
N THR B 60 -8.07 -5.88 -20.21
CA THR B 60 -9.02 -6.96 -19.80
C THR B 60 -9.98 -6.40 -18.74
N LEU B 61 -10.68 -5.32 -19.09
CA LEU B 61 -11.72 -4.69 -18.25
C LEU B 61 -13.04 -4.77 -19.02
N PRO B 62 -14.16 -5.09 -18.35
CA PRO B 62 -15.44 -5.23 -19.04
C PRO B 62 -16.07 -3.89 -19.44
N GLU B 63 -16.92 -3.90 -20.47
CA GLU B 63 -17.81 -2.78 -20.84
C GLU B 63 -18.56 -2.34 -19.58
N ARG B 64 -18.70 -1.05 -19.36
CA ARG B 64 -19.53 -0.49 -18.28
C ARG B 64 -20.88 -0.10 -18.91
N ARG B 65 -21.64 -1.08 -19.41
CA ARG B 65 -22.95 -0.83 -20.05
C ARG B 65 -23.87 -0.17 -19.01
N GLY B 66 -24.31 1.07 -19.30
CA GLY B 66 -25.16 1.88 -18.41
C GLY B 66 -24.55 3.24 -18.12
N THR B 67 -23.23 3.37 -18.28
CA THR B 67 -22.45 4.57 -17.89
C THR B 67 -22.97 5.79 -18.66
N CYS B 68 -23.65 5.58 -19.78
CA CYS B 68 -24.19 6.69 -20.61
C CYS B 68 -25.43 7.28 -19.91
N ALA B 69 -26.24 6.45 -19.27
CA ALA B 69 -27.38 6.94 -18.45
C ALA B 69 -26.82 7.90 -17.39
N ASP B 70 -25.76 7.45 -16.70
CA ASP B 70 -25.08 8.23 -15.63
C ASP B 70 -24.68 9.59 -16.22
N ARG B 71 -23.94 9.58 -17.32
CA ARG B 71 -23.39 10.78 -17.99
C ARG B 71 -24.53 11.76 -18.31
N ASP B 72 -25.63 11.26 -18.87
CA ASP B 72 -26.75 12.10 -19.36
C ASP B 72 -27.51 12.66 -18.13
N ASN B 73 -27.83 11.80 -17.18
CA ASN B 73 -28.51 12.18 -15.90
C ASN B 73 -27.67 13.26 -15.19
N LEU B 74 -26.37 13.04 -15.03
CA LEU B 74 -25.46 14.04 -14.42
C LEU B 74 -25.50 15.33 -15.25
N THR B 75 -25.33 15.23 -16.57
CA THR B 75 -25.27 16.40 -17.49
C THR B 75 -26.47 17.29 -17.25
N ARG B 76 -27.65 16.70 -17.14
CA ARG B 76 -28.93 17.44 -16.98
C ARG B 76 -28.91 18.13 -15.60
N ARG B 77 -28.66 17.40 -14.52
CA ARG B 77 -28.82 17.93 -13.14
C ARG B 77 -27.82 19.05 -12.89
N PHE B 78 -26.60 18.90 -13.37
CA PHE B 78 -25.52 19.91 -13.19
C PHE B 78 -25.79 21.11 -14.09
N SER B 79 -26.42 20.91 -15.24
CA SER B 79 -26.87 22.03 -16.12
C SER B 79 -27.93 22.85 -15.38
N ASP B 80 -28.97 22.20 -14.85
CA ASP B 80 -30.09 22.91 -14.15
C ASP B 80 -29.57 23.66 -12.93
N LEU B 81 -28.32 23.42 -12.51
CA LEU B 81 -27.71 24.14 -11.35
C LEU B 81 -26.79 25.26 -11.83
N GLY B 82 -26.55 25.34 -13.14
CA GLY B 82 -25.90 26.50 -13.79
C GLY B 82 -24.49 26.20 -14.27
N PHE B 83 -24.09 24.93 -14.25
CA PHE B 83 -22.74 24.50 -14.68
C PHE B 83 -22.71 24.44 -16.21
N GLU B 84 -21.62 24.93 -16.79
CA GLU B 84 -21.19 24.59 -18.17
C GLU B 84 -20.65 23.16 -18.09
N VAL B 85 -21.44 22.17 -18.51
CA VAL B 85 -21.07 20.73 -18.43
C VAL B 85 -20.29 20.34 -19.68
N LYS B 86 -19.10 19.78 -19.53
CA LYS B 86 -18.29 19.31 -20.69
C LYS B 86 -18.00 17.83 -20.50
N CYS B 87 -18.64 16.97 -21.31
CA CYS B 87 -18.50 15.49 -21.29
C CYS B 87 -17.39 15.08 -22.25
N PHE B 88 -16.65 14.01 -21.93
CA PHE B 88 -15.58 13.43 -22.77
C PHE B 88 -15.62 11.91 -22.66
N ASN B 89 -15.85 11.26 -23.80
CA ASN B 89 -16.14 9.81 -23.90
C ASN B 89 -14.85 9.07 -24.26
N ASP B 90 -14.43 8.17 -23.38
CA ASP B 90 -13.43 7.10 -23.67
C ASP B 90 -12.09 7.71 -24.10
N LEU B 91 -11.65 8.77 -23.42
CA LEU B 91 -10.34 9.42 -23.71
C LEU B 91 -9.19 8.48 -23.33
N LYS B 92 -8.12 8.48 -24.12
CA LYS B 92 -6.83 7.86 -23.74
C LYS B 92 -6.15 8.76 -22.69
N ALA B 93 -5.16 8.24 -21.98
CA ALA B 93 -4.50 8.93 -20.85
C ALA B 93 -4.02 10.31 -21.31
N GLU B 94 -3.28 10.34 -22.41
CA GLU B 94 -2.73 11.61 -22.96
C GLU B 94 -3.88 12.59 -23.16
N GLU B 95 -4.92 12.19 -23.88
CA GLU B 95 -6.07 13.08 -24.20
C GLU B 95 -6.67 13.62 -22.90
N LEU B 96 -6.83 12.75 -21.89
CA LEU B 96 -7.52 13.11 -20.63
C LEU B 96 -6.67 14.13 -19.87
N LEU B 97 -5.40 13.79 -19.64
CA LEU B 97 -4.45 14.69 -18.97
C LEU B 97 -4.43 16.05 -19.68
N LEU B 98 -4.47 16.09 -21.01
CA LEU B 98 -4.46 17.36 -21.78
C LEU B 98 -5.74 18.13 -21.48
N LYS B 99 -6.91 17.50 -21.57
CA LYS B 99 -8.19 18.23 -21.48
C LYS B 99 -8.34 18.79 -20.06
N ILE B 100 -7.80 18.07 -19.07
CA ILE B 100 -8.00 18.46 -17.64
C ILE B 100 -6.92 19.50 -17.26
N HIS B 101 -5.73 19.43 -17.85
CA HIS B 101 -4.68 20.45 -17.62
C HIS B 101 -5.14 21.76 -18.28
N GLU B 102 -5.67 21.68 -19.49
CA GLU B 102 -6.34 22.82 -20.18
C GLU B 102 -7.23 23.52 -19.16
N VAL B 103 -8.18 22.78 -18.59
CA VAL B 103 -9.25 23.37 -17.74
C VAL B 103 -8.63 23.98 -16.48
N SER B 104 -7.53 23.42 -15.97
CA SER B 104 -6.89 23.91 -14.72
C SER B 104 -6.18 25.26 -14.96
N THR B 105 -5.75 25.55 -16.20
CA THR B 105 -4.92 26.75 -16.54
C THR B 105 -5.78 27.88 -17.12
N VAL B 106 -6.93 27.58 -17.72
CA VAL B 106 -8.00 28.57 -17.99
C VAL B 106 -8.31 29.30 -16.67
N SER B 107 -8.82 30.52 -16.73
CA SER B 107 -9.22 31.32 -15.55
C SER B 107 -10.64 30.92 -15.14
N HIS B 108 -10.81 30.60 -13.85
CA HIS B 108 -12.11 30.41 -13.15
C HIS B 108 -12.42 31.61 -12.25
N ALA B 109 -11.72 32.72 -12.46
CA ALA B 109 -11.83 33.94 -11.63
C ALA B 109 -13.30 34.34 -11.48
N ASP B 110 -14.11 34.23 -12.55
CA ASP B 110 -15.54 34.66 -12.58
C ASP B 110 -16.46 33.49 -12.25
N ALA B 111 -15.96 32.43 -11.61
CA ALA B 111 -16.72 31.17 -11.35
C ALA B 111 -16.86 30.89 -9.84
N ASP B 112 -17.98 30.28 -9.46
CA ASP B 112 -18.32 29.93 -8.05
C ASP B 112 -17.46 28.76 -7.58
N CYS B 113 -17.32 27.73 -8.41
CA CYS B 113 -16.66 26.46 -8.02
C CYS B 113 -16.30 25.65 -9.26
N PHE B 114 -15.78 24.44 -9.04
CA PHE B 114 -15.39 23.49 -10.09
C PHE B 114 -15.81 22.08 -9.66
N VAL B 115 -16.44 21.36 -10.58
CA VAL B 115 -16.88 19.95 -10.42
C VAL B 115 -16.14 19.11 -11.46
N CYS B 116 -15.72 17.92 -11.09
CA CYS B 116 -15.06 16.95 -12.00
C CYS B 116 -15.59 15.56 -11.65
N VAL B 117 -16.02 14.80 -12.66
CA VAL B 117 -16.68 13.48 -12.45
C VAL B 117 -15.97 12.43 -13.29
N PHE B 118 -15.62 11.30 -12.67
CA PHE B 118 -15.06 10.10 -13.31
C PHE B 118 -16.06 8.96 -13.22
N LEU B 119 -16.49 8.48 -14.38
CA LEU B 119 -17.28 7.23 -14.56
C LEU B 119 -16.36 6.23 -15.27
N SER B 120 -15.72 5.34 -14.51
CA SER B 120 -14.77 4.36 -15.07
C SER B 120 -14.54 3.21 -14.07
N HIS B 121 -13.56 2.38 -14.37
CA HIS B 121 -12.96 1.44 -13.40
C HIS B 121 -11.83 2.16 -12.68
N GLY B 122 -11.41 1.63 -11.54
CA GLY B 122 -10.26 2.14 -10.78
C GLY B 122 -9.65 1.05 -9.92
N GLU B 123 -8.56 1.39 -9.25
CA GLU B 123 -7.84 0.50 -8.32
C GLU B 123 -6.99 1.45 -7.46
N GLY B 124 -7.11 1.35 -6.13
CA GLY B 124 -6.27 2.08 -5.18
C GLY B 124 -6.41 3.57 -5.39
N ASN B 125 -5.35 4.22 -5.82
CA ASN B 125 -5.32 5.71 -5.96
C ASN B 125 -5.34 6.03 -7.45
N HIS B 126 -5.87 5.15 -8.29
CA HIS B 126 -5.89 5.27 -9.76
C HIS B 126 -7.32 5.21 -10.32
N ILE B 127 -7.60 6.02 -11.33
CA ILE B 127 -8.77 5.90 -12.22
C ILE B 127 -8.27 5.34 -13.55
N TYR B 128 -9.11 4.59 -14.26
CA TYR B 128 -8.76 4.07 -15.61
C TYR B 128 -9.30 5.03 -16.68
N ALA B 129 -8.36 5.52 -17.49
CA ALA B 129 -8.63 6.05 -18.85
C ALA B 129 -8.86 4.84 -19.75
N TYR B 130 -9.03 5.05 -21.06
CA TYR B 130 -9.23 3.97 -22.07
C TYR B 130 -8.03 3.01 -22.08
N ASP B 131 -6.80 3.51 -21.94
CA ASP B 131 -5.58 2.76 -22.31
C ASP B 131 -4.66 2.48 -21.10
N ALA B 132 -4.77 3.23 -20.01
CA ALA B 132 -3.99 2.93 -18.77
C ALA B 132 -4.51 3.78 -17.61
N LYS B 133 -4.02 3.47 -16.41
CA LYS B 133 -4.51 4.10 -15.16
C LYS B 133 -3.79 5.43 -14.96
N ILE B 134 -4.48 6.36 -14.31
CA ILE B 134 -3.93 7.69 -13.92
C ILE B 134 -4.05 7.86 -12.41
N GLU B 135 -2.99 8.35 -11.79
CA GLU B 135 -2.89 8.64 -10.35
C GLU B 135 -3.89 9.77 -10.02
N ILE B 136 -4.91 9.52 -9.21
CA ILE B 136 -5.98 10.50 -8.86
C ILE B 136 -5.34 11.77 -8.27
N GLN B 137 -4.35 11.63 -7.39
CA GLN B 137 -3.66 12.79 -6.75
C GLN B 137 -3.18 13.78 -7.82
N THR B 138 -2.73 13.32 -8.99
CA THR B 138 -2.19 14.24 -10.03
C THR B 138 -3.33 15.03 -10.68
N LEU B 139 -4.54 14.46 -10.74
CA LEU B 139 -5.71 15.16 -11.33
C LEU B 139 -6.24 16.21 -10.34
N THR B 140 -6.34 15.87 -9.06
CA THR B 140 -6.77 16.82 -8.01
C THR B 140 -5.67 17.85 -7.81
N GLY B 141 -4.42 17.40 -7.85
CA GLY B 141 -3.21 18.23 -7.69
C GLY B 141 -3.21 19.45 -8.60
N LEU B 142 -3.86 19.37 -9.76
CA LEU B 142 -3.85 20.46 -10.77
C LEU B 142 -4.71 21.63 -10.30
N PHE B 143 -5.62 21.41 -9.35
CA PHE B 143 -6.56 22.46 -8.84
C PHE B 143 -6.22 22.89 -7.41
N LYS B 144 -5.16 22.32 -6.81
CA LYS B 144 -4.60 22.75 -5.50
C LYS B 144 -4.28 24.25 -5.61
N GLY B 145 -4.58 25.03 -4.58
CA GLY B 145 -4.39 26.50 -4.58
C GLY B 145 -3.10 26.93 -5.26
N ASP B 146 -1.99 26.28 -4.95
CA ASP B 146 -0.65 26.62 -5.50
C ASP B 146 -0.74 26.77 -7.02
N LYS B 147 -1.40 25.83 -7.71
CA LYS B 147 -1.29 25.61 -9.18
C LYS B 147 -2.48 26.18 -9.94
N CYS B 148 -3.54 26.63 -9.27
CA CYS B 148 -4.76 27.17 -9.93
C CYS B 148 -5.38 28.27 -9.05
N HIS B 149 -4.90 29.51 -9.21
CA HIS B 149 -5.17 30.66 -8.31
C HIS B 149 -6.67 31.01 -8.38
N SER B 150 -7.24 31.00 -9.58
CA SER B 150 -8.66 31.36 -9.86
C SER B 150 -9.62 30.57 -8.96
N LEU B 151 -9.20 29.43 -8.39
CA LEU B 151 -10.08 28.48 -7.66
C LEU B 151 -9.76 28.42 -6.15
N VAL B 152 -8.61 28.97 -5.74
CA VAL B 152 -8.27 29.13 -4.30
C VAL B 152 -9.50 29.64 -3.55
N GLY B 153 -9.91 28.96 -2.48
CA GLY B 153 -10.97 29.41 -1.57
C GLY B 153 -12.36 29.12 -2.10
N LYS B 154 -12.44 28.51 -3.29
CA LYS B 154 -13.71 28.08 -3.92
C LYS B 154 -13.76 26.55 -3.85
N PRO B 155 -14.97 25.95 -3.70
CA PRO B 155 -15.08 24.50 -3.58
C PRO B 155 -14.64 23.79 -4.86
N LYS B 156 -13.85 22.73 -4.72
CA LYS B 156 -13.45 21.83 -5.83
C LYS B 156 -14.03 20.46 -5.52
N ILE B 157 -15.12 20.08 -6.18
CA ILE B 157 -15.85 18.81 -5.91
C ILE B 157 -15.43 17.77 -6.95
N PHE B 158 -14.92 16.62 -6.51
CA PHE B 158 -14.74 15.42 -7.36
C PHE B 158 -15.75 14.35 -6.98
N ILE B 159 -16.38 13.75 -7.98
CA ILE B 159 -17.35 12.65 -7.84
C ILE B 159 -16.82 11.45 -8.62
N ILE B 160 -16.69 10.30 -7.99
CA ILE B 160 -15.93 9.14 -8.54
C ILE B 160 -16.79 7.88 -8.41
N GLN B 161 -17.27 7.40 -9.54
CA GLN B 161 -18.03 6.13 -9.68
C GLN B 161 -17.02 5.18 -10.33
N ALA B 162 -16.22 4.50 -9.51
CA ALA B 162 -15.14 3.62 -9.97
C ALA B 162 -14.95 2.45 -9.01
N ALA B 163 -14.74 1.26 -9.58
CA ALA B 163 -14.56 0.00 -8.85
C ALA B 163 -13.79 -0.97 -9.76
N ARG B 164 -13.64 -2.24 -9.34
CA ARG B 164 -12.85 -3.30 -10.00
C ARG B 164 -13.73 -4.02 -11.03
N GLY B 165 -13.30 -4.09 -12.28
CA GLY B 165 -14.01 -4.81 -13.35
C GLY B 165 -14.01 -6.32 -13.13
N ASN B 166 -15.14 -6.89 -12.72
CA ASN B 166 -15.26 -8.30 -12.25
C ASN B 166 -15.06 -9.32 -13.38
N GLN B 167 -15.58 -9.07 -14.60
CA GLN B 167 -15.56 -9.98 -15.77
C GLN B 167 -16.56 -11.11 -15.50
N THR B 187 -33.27 -7.44 -20.39
CA THR B 187 -32.71 -6.21 -21.02
C THR B 187 -31.81 -5.50 -19.99
N ASN B 188 -32.39 -5.07 -18.85
CA ASN B 188 -31.75 -4.25 -17.78
C ASN B 188 -31.32 -5.16 -16.63
N ILE B 189 -30.07 -5.66 -16.67
CA ILE B 189 -29.44 -6.47 -15.59
C ILE B 189 -28.73 -5.50 -14.62
N THR B 190 -28.59 -5.91 -13.36
CA THR B 190 -27.79 -5.19 -12.34
C THR B 190 -26.42 -5.86 -12.22
N GLU B 191 -25.35 -5.25 -12.73
CA GLU B 191 -23.95 -5.75 -12.57
C GLU B 191 -23.37 -5.20 -11.27
N VAL B 192 -22.49 -5.96 -10.61
CA VAL B 192 -21.95 -5.63 -9.26
C VAL B 192 -20.41 -5.77 -9.26
N ASP B 193 -19.72 -4.67 -8.97
CA ASP B 193 -18.24 -4.58 -8.84
C ASP B 193 -17.87 -4.44 -7.37
N ALA B 194 -16.72 -4.96 -6.98
CA ALA B 194 -16.17 -4.80 -5.62
C ALA B 194 -15.56 -3.41 -5.50
N ALA B 195 -15.78 -2.70 -4.39
CA ALA B 195 -15.07 -1.43 -4.12
C ALA B 195 -13.57 -1.65 -4.27
N SER B 196 -12.87 -0.72 -4.89
CA SER B 196 -11.41 -0.83 -5.16
C SER B 196 -10.70 0.52 -4.96
N VAL B 197 -11.39 1.64 -5.17
CA VAL B 197 -10.75 2.98 -5.19
C VAL B 197 -10.74 3.52 -3.75
N TYR B 198 -9.54 3.82 -3.27
CA TYR B 198 -9.29 4.43 -1.94
C TYR B 198 -10.10 5.74 -1.86
N THR B 199 -10.74 5.97 -0.71
CA THR B 199 -11.60 7.15 -0.47
C THR B 199 -10.71 8.30 -0.01
N LEU B 200 -9.84 8.75 -0.90
CA LEU B 200 -8.76 9.74 -0.60
C LEU B 200 -9.39 11.08 -0.27
N PRO B 201 -8.71 11.92 0.53
CA PRO B 201 -8.99 13.35 0.60
C PRO B 201 -8.17 14.05 -0.51
N ALA B 202 -7.90 15.34 -0.43
CA ALA B 202 -7.23 16.09 -1.53
C ALA B 202 -6.49 17.29 -0.97
N GLY B 203 -7.23 18.34 -0.62
CA GLY B 203 -6.64 19.61 -0.16
C GLY B 203 -7.69 20.56 0.37
N ALA B 204 -7.25 21.70 0.89
CA ALA B 204 -8.18 22.74 1.38
C ALA B 204 -9.25 22.96 0.31
N ASP B 205 -10.52 22.89 0.72
CA ASP B 205 -11.70 23.32 -0.06
C ASP B 205 -12.00 22.32 -1.17
N PHE B 206 -11.46 21.10 -1.08
CA PHE B 206 -11.90 19.94 -1.91
C PHE B 206 -12.96 19.12 -1.18
N LEU B 207 -13.87 18.52 -1.95
CA LEU B 207 -14.86 17.53 -1.48
C LEU B 207 -14.77 16.32 -2.39
N MET B 208 -14.22 15.21 -1.90
CA MET B 208 -14.10 13.96 -2.68
C MET B 208 -15.31 13.09 -2.35
N CYS B 209 -16.07 12.71 -3.39
CA CYS B 209 -17.34 11.95 -3.29
C CYS B 209 -17.15 10.60 -3.97
N TYR B 210 -17.53 9.50 -3.30
CA TYR B 210 -17.20 8.12 -3.71
C TYR B 210 -18.48 7.26 -3.72
N SER B 211 -18.76 6.62 -4.87
CA SER B 211 -19.82 5.60 -5.11
C SER B 211 -19.88 4.55 -4.00
N VAL B 212 -18.74 4.18 -3.42
CA VAL B 212 -18.64 2.97 -2.54
C VAL B 212 -17.38 3.05 -1.68
N ALA B 213 -17.45 2.53 -0.46
CA ALA B 213 -16.33 2.50 0.52
C ALA B 213 -15.70 1.10 0.57
N GLU B 214 -14.52 0.96 1.20
CA GLU B 214 -13.81 -0.33 1.40
C GLU B 214 -14.78 -1.38 1.94
N GLY B 215 -14.70 -2.61 1.41
CA GLY B 215 -15.48 -3.76 1.91
C GLY B 215 -16.90 -3.82 1.36
N TYR B 216 -17.43 -2.75 0.77
CA TYR B 216 -18.79 -2.74 0.18
C TYR B 216 -18.70 -2.98 -1.34
N TYR B 217 -19.83 -2.91 -2.04
CA TYR B 217 -19.97 -3.26 -3.47
C TYR B 217 -20.71 -2.14 -4.21
N SER B 218 -20.34 -1.90 -5.47
CA SER B 218 -20.95 -0.89 -6.37
C SER B 218 -21.85 -1.58 -7.39
N HIS B 219 -23.06 -1.05 -7.58
CA HIS B 219 -24.11 -1.59 -8.47
C HIS B 219 -24.31 -0.65 -9.67
N ARG B 220 -24.40 -1.21 -10.88
CA ARG B 220 -24.80 -0.49 -12.11
C ARG B 220 -25.84 -1.31 -12.88
N GLU B 221 -27.05 -0.73 -13.07
CA GLU B 221 -28.13 -1.22 -13.97
C GLU B 221 -27.73 -0.86 -15.41
N THR B 222 -27.87 -1.77 -16.37
CA THR B 222 -27.27 -1.64 -17.73
C THR B 222 -28.02 -0.60 -18.58
N VAL B 223 -29.18 -0.12 -18.12
CA VAL B 223 -30.04 0.87 -18.84
C VAL B 223 -30.22 2.09 -17.93
N ASN B 224 -30.55 1.87 -16.67
CA ASN B 224 -30.87 2.95 -15.69
C ASN B 224 -29.59 3.58 -15.13
N GLY B 225 -28.49 2.84 -15.09
CA GLY B 225 -27.15 3.35 -14.67
C GLY B 225 -26.82 3.02 -13.22
N SER B 226 -25.70 3.56 -12.74
CA SER B 226 -25.12 3.30 -11.40
C SER B 226 -26.10 3.71 -10.30
N TRP B 227 -26.23 2.88 -9.27
CA TRP B 227 -27.10 3.15 -8.08
C TRP B 227 -26.72 4.50 -7.49
N TYR B 228 -25.42 4.74 -7.28
CA TYR B 228 -24.89 5.99 -6.69
C TYR B 228 -25.40 7.19 -7.50
N ILE B 229 -25.21 7.14 -8.81
CA ILE B 229 -25.48 8.28 -9.74
C ILE B 229 -26.98 8.51 -9.82
N GLN B 230 -27.77 7.43 -9.88
CA GLN B 230 -29.24 7.53 -9.92
C GLN B 230 -29.68 8.34 -8.69
N ASP B 231 -29.23 7.92 -7.51
CA ASP B 231 -29.68 8.52 -6.22
C ASP B 231 -29.05 9.90 -6.06
N LEU B 232 -27.80 10.09 -6.49
CA LEU B 232 -27.18 11.43 -6.47
C LEU B 232 -28.06 12.37 -7.30
N CYS B 233 -28.39 11.96 -8.52
CA CYS B 233 -29.14 12.78 -9.50
C CYS B 233 -30.58 12.98 -9.02
N GLU B 234 -31.22 11.98 -8.40
CA GLU B 234 -32.59 12.17 -7.87
C GLU B 234 -32.53 13.31 -6.86
N MET B 235 -31.53 13.28 -5.97
CA MET B 235 -31.39 14.26 -4.86
C MET B 235 -31.02 15.63 -5.42
N LEU B 236 -30.17 15.67 -6.45
CA LEU B 236 -29.85 16.96 -7.14
C LEU B 236 -31.14 17.57 -7.68
N GLY B 237 -31.95 16.77 -8.38
CA GLY B 237 -33.25 17.18 -8.94
C GLY B 237 -34.12 17.82 -7.88
N LYS B 238 -34.39 17.10 -6.80
CA LYS B 238 -35.33 17.53 -5.73
C LYS B 238 -34.71 18.66 -4.90
N TYR B 239 -33.46 18.52 -4.44
CA TYR B 239 -32.92 19.35 -3.32
C TYR B 239 -31.66 20.14 -3.69
N GLY B 240 -31.05 19.91 -4.85
CA GLY B 240 -29.78 20.55 -5.26
C GLY B 240 -29.74 22.03 -4.93
N SER B 241 -30.82 22.76 -5.27
CA SER B 241 -30.88 24.24 -5.25
C SER B 241 -31.22 24.80 -3.86
N SER B 242 -31.63 23.96 -2.90
CA SER B 242 -31.99 24.42 -1.53
C SER B 242 -30.96 23.92 -0.50
N LEU B 243 -30.57 22.65 -0.55
CA LEU B 243 -29.82 21.99 0.55
C LEU B 243 -28.32 22.25 0.43
N GLU B 244 -27.66 22.30 1.60
CA GLU B 244 -26.18 22.27 1.72
C GLU B 244 -25.70 20.97 1.09
N PHE B 245 -24.59 21.00 0.36
CA PHE B 245 -24.24 19.91 -0.57
C PHE B 245 -23.88 18.65 0.23
N THR B 246 -23.23 18.78 1.38
CA THR B 246 -22.84 17.62 2.23
C THR B 246 -24.11 17.05 2.87
N GLU B 247 -25.09 17.90 3.22
CA GLU B 247 -26.43 17.44 3.71
C GLU B 247 -27.04 16.52 2.66
N LEU B 248 -26.92 16.92 1.39
CA LEU B 248 -27.48 16.22 0.21
C LEU B 248 -26.76 14.88 0.05
N LEU B 249 -25.43 14.91 0.01
CA LEU B 249 -24.58 13.70 -0.18
C LEU B 249 -24.91 12.67 0.91
N THR B 250 -25.28 13.15 2.11
CA THR B 250 -25.68 12.31 3.26
C THR B 250 -26.99 11.59 2.92
N LEU B 251 -27.95 12.32 2.34
CA LEU B 251 -29.22 11.71 1.83
C LEU B 251 -28.87 10.61 0.82
N VAL B 252 -27.89 10.86 -0.04
CA VAL B 252 -27.44 9.87 -1.05
C VAL B 252 -26.93 8.62 -0.33
N ASN B 253 -26.20 8.80 0.76
CA ASN B 253 -25.67 7.68 1.58
C ASN B 253 -26.85 6.88 2.14
N ARG B 254 -27.88 7.57 2.64
CA ARG B 254 -29.10 6.87 3.15
C ARG B 254 -29.74 6.14 1.96
N LYS B 255 -30.10 6.87 0.90
CA LYS B 255 -30.85 6.33 -0.27
C LYS B 255 -30.18 5.03 -0.73
N VAL B 256 -28.86 5.02 -0.85
CA VAL B 256 -28.10 3.87 -1.44
C VAL B 256 -27.95 2.74 -0.40
N SER B 257 -27.64 3.07 0.86
CA SER B 257 -27.48 2.04 1.92
C SER B 257 -28.80 1.28 2.06
N GLN B 258 -29.93 2.01 2.02
CA GLN B 258 -31.32 1.50 2.12
C GLN B 258 -31.70 0.57 0.95
N ARG B 259 -31.04 0.66 -0.21
CA ARG B 259 -31.35 -0.24 -1.36
C ARG B 259 -31.11 -1.69 -0.89
N ARG B 260 -32.15 -2.54 -1.01
CA ARG B 260 -32.15 -3.94 -0.50
C ARG B 260 -31.43 -4.83 -1.50
N VAL B 261 -30.72 -5.84 -1.01
CA VAL B 261 -29.86 -6.73 -1.82
C VAL B 261 -29.98 -8.17 -1.27
N ASP B 262 -31.20 -8.55 -0.86
CA ASP B 262 -31.54 -9.91 -0.33
C ASP B 262 -32.21 -10.74 -1.43
N PHE B 263 -33.22 -10.20 -2.13
CA PHE B 263 -33.93 -10.88 -3.25
C PHE B 263 -33.35 -10.40 -4.59
N CYS B 264 -32.34 -11.09 -5.11
CA CYS B 264 -31.54 -10.71 -6.32
C CYS B 264 -31.58 -11.83 -7.38
N LYS B 265 -31.73 -11.46 -8.66
CA LYS B 265 -31.82 -12.42 -9.80
C LYS B 265 -30.59 -13.32 -9.84
N ASP B 266 -29.38 -12.76 -9.76
CA ASP B 266 -28.13 -13.54 -9.56
C ASP B 266 -28.06 -13.97 -8.09
N PRO B 267 -27.95 -15.28 -7.76
CA PRO B 267 -27.77 -15.71 -6.37
C PRO B 267 -26.48 -15.20 -5.71
N SER B 268 -25.41 -14.97 -6.50
CA SER B 268 -24.05 -14.59 -6.03
C SER B 268 -23.96 -13.08 -5.74
N ALA B 269 -24.96 -12.29 -6.16
CA ALA B 269 -25.02 -10.82 -5.96
C ALA B 269 -25.80 -10.49 -4.68
N ILE B 270 -26.13 -11.50 -3.86
CA ILE B 270 -26.97 -11.36 -2.63
C ILE B 270 -26.06 -10.97 -1.46
N GLY B 271 -26.52 -10.03 -0.62
CA GLY B 271 -25.84 -9.64 0.64
C GLY B 271 -24.64 -8.72 0.41
N LYS B 272 -24.51 -8.20 -0.82
CA LYS B 272 -23.48 -7.24 -1.24
C LYS B 272 -24.05 -5.81 -1.13
N LYS B 273 -23.98 -5.18 0.06
CA LYS B 273 -24.55 -3.83 0.27
C LYS B 273 -23.68 -2.77 -0.42
N GLN B 274 -24.27 -1.62 -0.75
CA GLN B 274 -23.52 -0.44 -1.23
C GLN B 274 -23.64 0.64 -0.18
N VAL B 275 -22.50 1.11 0.35
CA VAL B 275 -22.39 2.30 1.24
C VAL B 275 -21.38 3.25 0.60
N PRO B 276 -21.86 4.38 0.04
CA PRO B 276 -20.99 5.42 -0.47
C PRO B 276 -20.49 6.27 0.71
N CYS B 277 -19.48 7.08 0.46
CA CYS B 277 -18.98 8.08 1.43
C CYS B 277 -18.51 9.34 0.71
N PHE B 278 -18.07 10.31 1.50
CA PHE B 278 -17.40 11.55 1.05
C PHE B 278 -16.40 12.02 2.08
N ALA B 279 -15.28 12.53 1.60
CA ALA B 279 -14.21 13.12 2.42
C ALA B 279 -14.23 14.63 2.21
N SER B 280 -14.84 15.37 3.14
CA SER B 280 -14.96 16.86 3.10
C SER B 280 -13.68 17.43 3.67
N MET B 281 -13.09 18.38 2.95
CA MET B 281 -12.00 19.23 3.45
C MET B 281 -12.44 20.67 3.19
N LEU B 282 -13.75 20.82 3.03
CA LEU B 282 -14.44 22.12 2.90
C LEU B 282 -14.28 22.87 4.21
N THR B 283 -14.40 24.19 4.16
CA THR B 283 -14.17 25.09 5.32
C THR B 283 -15.43 25.93 5.55
N LYS B 284 -16.45 25.76 4.72
CA LYS B 284 -17.69 26.58 4.76
C LYS B 284 -18.85 25.75 4.24
N LYS B 285 -20.07 26.22 4.48
CA LYS B 285 -21.29 25.62 3.90
C LYS B 285 -21.27 25.87 2.40
N LEU B 286 -21.79 24.92 1.63
CA LEU B 286 -21.82 24.97 0.14
C LEU B 286 -23.27 24.82 -0.30
N HIS B 287 -23.83 25.85 -0.94
CA HIS B 287 -25.21 25.86 -1.48
C HIS B 287 -25.16 26.20 -2.97
N PHE B 288 -26.08 25.62 -3.74
CA PHE B 288 -26.21 25.89 -5.20
C PHE B 288 -27.54 26.59 -5.43
N PHE B 289 -27.78 27.70 -4.71
CA PHE B 289 -28.99 28.55 -4.87
C PHE B 289 -29.07 29.03 -6.30
N PRO B 290 -30.29 29.12 -6.89
CA PRO B 290 -30.42 29.61 -8.26
C PRO B 290 -29.75 30.99 -8.40
N LYS B 291 -28.95 31.19 -9.44
CA LYS B 291 -28.28 32.49 -9.71
C LYS B 291 -29.28 33.42 -10.42
N SER B 292 -29.28 34.71 -10.13
CA SER B 292 -30.17 35.71 -10.79
C SER B 292 -29.55 36.13 -12.14
N ASN B 293 -30.29 36.03 -13.24
CA ASN B 293 -29.84 36.54 -14.56
C ASN B 293 -31.06 36.94 -15.42
N MET C 30 15.26 -39.97 -9.32
CA MET C 30 16.69 -39.76 -9.68
C MET C 30 17.02 -38.26 -9.62
N PHE C 31 16.81 -37.62 -8.46
CA PHE C 31 16.91 -36.15 -8.22
C PHE C 31 18.37 -35.67 -8.15
N ASP C 32 18.68 -34.52 -8.77
CA ASP C 32 20.06 -34.12 -9.14
C ASP C 32 20.35 -32.68 -8.70
N PRO C 33 21.25 -32.47 -7.72
CA PRO C 33 21.52 -31.11 -7.21
C PRO C 33 22.24 -30.16 -8.19
N ALA C 34 22.82 -30.65 -9.27
CA ALA C 34 23.61 -29.84 -10.22
C ALA C 34 22.89 -29.72 -11.56
N GLU C 35 21.58 -30.05 -11.57
CA GLU C 35 20.74 -29.98 -12.78
C GLU C 35 20.74 -28.53 -13.32
N LYS C 36 20.93 -28.40 -14.64
CA LYS C 36 20.94 -27.10 -15.37
C LYS C 36 19.66 -27.00 -16.21
N TYR C 37 19.17 -25.78 -16.44
CA TYR C 37 18.14 -25.51 -17.46
C TYR C 37 18.68 -26.04 -18.79
N LYS C 38 17.83 -26.63 -19.62
CA LYS C 38 18.26 -27.11 -20.95
C LYS C 38 18.40 -25.90 -21.89
N MET C 39 19.64 -25.66 -22.32
CA MET C 39 20.01 -24.46 -23.12
C MET C 39 20.62 -24.91 -24.45
N ASP C 40 20.03 -25.96 -25.05
CA ASP C 40 20.46 -26.62 -26.33
C ASP C 40 19.34 -26.50 -27.38
N HIS C 41 18.47 -25.49 -27.30
CA HIS C 41 17.41 -25.22 -28.31
C HIS C 41 18.06 -24.53 -29.51
N ARG C 42 17.33 -24.48 -30.64
CA ARG C 42 17.88 -23.99 -31.95
C ARG C 42 18.38 -22.54 -31.77
N ARG C 43 17.56 -21.64 -31.23
CA ARG C 43 17.88 -20.21 -30.97
C ARG C 43 17.92 -19.98 -29.45
N ARG C 44 18.68 -18.99 -28.98
CA ARG C 44 18.77 -18.62 -27.53
C ARG C 44 17.43 -18.08 -27.05
N GLY C 45 16.85 -17.16 -27.81
CA GLY C 45 15.55 -16.53 -27.49
C GLY C 45 15.59 -15.03 -27.66
N ILE C 46 14.48 -14.37 -27.34
CA ILE C 46 14.28 -12.91 -27.54
C ILE C 46 14.71 -12.18 -26.28
N ALA C 47 15.37 -11.03 -26.42
CA ALA C 47 15.55 -10.01 -25.36
C ALA C 47 14.82 -8.74 -25.78
N LEU C 48 13.66 -8.47 -25.19
CA LEU C 48 12.99 -7.14 -25.29
C LEU C 48 13.78 -6.12 -24.47
N ILE C 49 13.92 -4.90 -24.97
CA ILE C 49 14.44 -3.75 -24.18
C ILE C 49 13.54 -2.53 -24.42
N PHE C 50 12.68 -2.22 -23.46
CA PHE C 50 11.88 -0.98 -23.45
C PHE C 50 12.73 0.12 -22.80
N ASN C 51 13.03 1.16 -23.58
CA ASN C 51 13.99 2.22 -23.20
C ASN C 51 13.25 3.55 -23.22
N HIS C 52 13.18 4.22 -22.06
CA HIS C 52 12.41 5.47 -21.85
C HIS C 52 13.37 6.59 -21.41
N GLU C 53 13.51 7.62 -22.23
CA GLU C 53 14.42 8.79 -22.03
C GLU C 53 13.58 10.03 -21.67
N ARG C 54 12.48 10.22 -22.38
CA ARG C 54 11.56 11.37 -22.24
C ARG C 54 10.18 10.83 -21.88
N PHE C 55 9.34 11.70 -21.34
CA PHE C 55 7.95 11.37 -20.95
C PHE C 55 7.03 12.55 -21.29
N PHE C 56 5.78 12.22 -21.62
CA PHE C 56 4.65 13.17 -21.77
C PHE C 56 4.79 14.33 -20.77
N TRP C 57 4.66 15.58 -21.25
CA TRP C 57 4.91 16.80 -20.43
C TRP C 57 4.19 16.64 -19.09
N HIS C 58 2.89 16.31 -19.12
CA HIS C 58 1.92 16.43 -18.00
C HIS C 58 2.12 15.33 -16.94
N LEU C 59 3.14 14.47 -17.09
CA LEU C 59 3.59 13.53 -16.03
C LEU C 59 4.63 14.20 -15.13
N THR C 60 5.37 15.19 -15.66
CA THR C 60 6.39 15.96 -14.90
C THR C 60 7.46 14.99 -14.40
N LEU C 61 8.06 14.22 -15.31
CA LEU C 61 9.18 13.28 -15.03
C LEU C 61 10.37 13.74 -15.84
N PRO C 62 11.58 13.77 -15.23
CA PRO C 62 12.76 14.31 -15.90
C PRO C 62 13.32 13.37 -16.99
N GLU C 63 14.04 13.95 -17.97
CA GLU C 63 14.86 13.19 -18.94
C GLU C 63 15.74 12.22 -18.15
N ARG C 64 15.86 10.99 -18.66
CA ARG C 64 16.81 10.01 -18.11
C ARG C 64 18.05 10.04 -19.02
N ARG C 65 18.75 11.18 -19.05
CA ARG C 65 19.97 11.34 -19.90
C ARG C 65 20.98 10.26 -19.49
N GLY C 66 21.33 9.36 -20.41
CA GLY C 66 22.27 8.25 -20.21
C GLY C 66 21.65 6.89 -20.54
N THR C 67 20.33 6.81 -20.55
CA THR C 67 19.56 5.55 -20.71
C THR C 67 19.92 4.90 -22.05
N CYS C 68 20.44 5.67 -23.00
CA CYS C 68 20.81 5.15 -24.35
C CYS C 68 22.10 4.34 -24.21
N ALA C 69 23.03 4.76 -23.36
CA ALA C 69 24.25 3.97 -23.09
C ALA C 69 23.81 2.59 -22.58
N ASP C 70 22.89 2.59 -21.61
CA ASP C 70 22.34 1.37 -20.99
C ASP C 70 21.82 0.46 -22.10
N ARG C 71 20.92 0.99 -22.93
CA ARG C 71 20.22 0.25 -24.02
C ARG C 71 21.25 -0.40 -24.94
N ASP C 72 22.25 0.37 -25.36
CA ASP C 72 23.26 -0.06 -26.35
C ASP C 72 24.17 -1.11 -25.72
N ASN C 73 24.68 -0.83 -24.52
CA ASN C 73 25.55 -1.76 -23.76
C ASN C 73 24.82 -3.09 -23.56
N LEU C 74 23.57 -3.05 -23.10
CA LEU C 74 22.75 -4.28 -22.94
C LEU C 74 22.61 -4.97 -24.31
N THR C 75 22.21 -4.22 -25.34
CA THR C 75 21.92 -4.78 -26.69
C THR C 75 23.12 -5.60 -27.15
N ARG C 76 24.32 -5.07 -26.96
CA ARG C 76 25.58 -5.70 -27.44
C ARG C 76 25.80 -7.00 -26.64
N ARG C 77 25.79 -6.93 -25.31
CA ARG C 77 26.18 -8.08 -24.45
C ARG C 77 25.21 -9.23 -24.67
N PHE C 78 23.91 -8.93 -24.77
CA PHE C 78 22.85 -9.95 -24.95
C PHE C 78 22.92 -10.51 -26.38
N SER C 79 23.35 -9.72 -27.36
CA SER C 79 23.57 -10.20 -28.74
C SER C 79 24.73 -11.20 -28.73
N ASP C 80 25.88 -10.85 -28.14
CA ASP C 80 27.07 -11.75 -28.10
C ASP C 80 26.74 -13.06 -27.36
N LEU C 81 25.59 -13.15 -26.68
CA LEU C 81 25.17 -14.37 -25.96
C LEU C 81 24.14 -15.15 -26.79
N GLY C 82 23.66 -14.57 -27.89
CA GLY C 82 22.87 -15.27 -28.91
C GLY C 82 21.41 -14.85 -28.91
N PHE C 83 21.07 -13.79 -28.18
CA PHE C 83 19.68 -13.26 -28.12
C PHE C 83 19.40 -12.47 -29.39
N GLU C 84 18.21 -12.66 -29.94
CA GLU C 84 17.56 -11.73 -30.89
C GLU C 84 17.08 -10.55 -30.02
N VAL C 85 17.84 -9.45 -29.99
CA VAL C 85 17.54 -8.27 -29.13
C VAL C 85 16.61 -7.34 -29.90
N LYS C 86 15.46 -6.97 -29.35
CA LYS C 86 14.51 -6.03 -29.98
C LYS C 86 14.33 -4.85 -29.03
N CYS C 87 14.89 -3.68 -29.37
CA CYS C 87 14.81 -2.42 -28.59
C CYS C 87 13.59 -1.63 -29.04
N PHE C 88 12.95 -0.91 -28.11
CA PHE C 88 11.79 -0.03 -28.37
C PHE C 88 11.93 1.24 -27.54
N ASN C 89 12.01 2.38 -28.22
CA ASN C 89 12.30 3.70 -27.62
C ASN C 89 10.99 4.45 -27.38
N ASP C 90 10.70 4.77 -26.12
CA ASP C 90 9.71 5.79 -25.70
C ASP C 90 8.32 5.39 -26.20
N LEU C 91 7.95 4.12 -26.07
CA LEU C 91 6.60 3.64 -26.46
C LEU C 91 5.55 4.21 -25.50
N LYS C 92 4.36 4.53 -26.01
CA LYS C 92 3.16 4.79 -25.19
C LYS C 92 2.63 3.45 -24.66
N ALA C 93 1.78 3.49 -23.64
CA ALA C 93 1.26 2.29 -22.94
C ALA C 93 0.68 1.33 -23.97
N GLU C 94 -0.20 1.82 -24.83
CA GLU C 94 -0.87 0.99 -25.85
C GLU C 94 0.21 0.27 -26.66
N GLU C 95 1.16 1.02 -27.22
CA GLU C 95 2.21 0.46 -28.10
C GLU C 95 2.96 -0.64 -27.34
N LEU C 96 3.30 -0.39 -26.08
CA LEU C 96 4.16 -1.30 -25.27
C LEU C 96 3.38 -2.58 -24.99
N LEU C 97 2.17 -2.46 -24.46
CA LEU C 97 1.30 -3.62 -24.19
C LEU C 97 1.13 -4.46 -25.46
N LEU C 98 0.98 -3.82 -26.63
CA LEU C 98 0.83 -4.55 -27.92
C LEU C 98 2.11 -5.32 -28.22
N LYS C 99 3.27 -4.66 -28.16
CA LYS C 99 4.53 -5.28 -28.62
C LYS C 99 4.86 -6.46 -27.70
N ILE C 100 4.51 -6.36 -26.42
CA ILE C 100 4.90 -7.38 -25.41
C ILE C 100 3.87 -8.52 -25.45
N HIS C 101 2.60 -8.24 -25.75
CA HIS C 101 1.55 -9.28 -25.90
C HIS C 101 1.88 -10.08 -27.18
N GLU C 102 2.23 -9.39 -28.25
CA GLU C 102 2.75 -10.00 -29.51
C GLU C 102 3.76 -11.07 -29.11
N VAL C 103 4.80 -10.68 -28.38
CA VAL C 103 5.97 -11.56 -28.12
C VAL C 103 5.53 -12.74 -27.24
N SER C 104 4.53 -12.56 -26.38
CA SER C 104 4.08 -13.62 -25.45
C SER C 104 3.29 -14.69 -26.20
N THR C 105 2.68 -14.37 -27.35
CA THR C 105 1.77 -15.27 -28.10
C THR C 105 2.50 -15.94 -29.27
N VAL C 106 3.56 -15.33 -29.81
CA VAL C 106 4.55 -16.03 -30.68
C VAL C 106 5.01 -17.29 -29.94
N SER C 107 5.46 -18.31 -30.69
CA SER C 107 6.02 -19.57 -30.15
C SER C 107 7.48 -19.36 -29.77
N HIS C 108 7.83 -19.74 -28.54
CA HIS C 108 9.21 -19.82 -28.02
C HIS C 108 9.65 -21.29 -27.93
N ALA C 109 8.91 -22.19 -28.59
CA ALA C 109 9.16 -23.64 -28.59
C ALA C 109 10.63 -23.92 -28.93
N ASP C 110 11.19 -23.17 -29.88
CA ASP C 110 12.57 -23.31 -30.42
C ASP C 110 13.61 -22.56 -29.58
N ALA C 111 13.25 -22.02 -28.41
CA ALA C 111 14.06 -21.02 -27.67
C ALA C 111 14.47 -21.55 -26.29
N ASP C 112 15.67 -21.14 -25.87
CA ASP C 112 16.25 -21.50 -24.55
C ASP C 112 15.51 -20.77 -23.43
N CYS C 113 15.25 -19.48 -23.61
CA CYS C 113 14.71 -18.61 -22.55
C CYS C 113 14.17 -17.30 -23.14
N PHE C 114 13.73 -16.41 -22.26
CA PHE C 114 13.18 -15.07 -22.62
C PHE C 114 13.71 -14.05 -21.61
N VAL C 115 14.20 -12.92 -22.13
CA VAL C 115 14.71 -11.76 -21.35
C VAL C 115 13.83 -10.56 -21.70
N CYS C 116 13.52 -9.73 -20.72
CA CYS C 116 12.76 -8.48 -20.88
C CYS C 116 13.39 -7.42 -19.98
N VAL C 117 13.67 -6.23 -20.51
CA VAL C 117 14.40 -5.15 -19.78
C VAL C 117 13.61 -3.85 -19.84
N PHE C 118 13.41 -3.22 -18.69
CA PHE C 118 12.79 -1.88 -18.54
C PHE C 118 13.83 -0.89 -18.04
N LEU C 119 14.09 0.13 -18.86
CA LEU C 119 14.87 1.34 -18.49
C LEU C 119 13.89 2.52 -18.48
N SER C 120 13.39 2.88 -17.31
CA SER C 120 12.41 3.97 -17.17
C SER C 120 12.36 4.46 -15.72
N HIS C 121 11.39 5.30 -15.43
CA HIS C 121 10.98 5.61 -14.05
C HIS C 121 9.96 4.56 -13.62
N GLY C 122 9.78 4.45 -12.31
CA GLY C 122 8.74 3.58 -11.72
C GLY C 122 8.35 4.07 -10.36
N GLU C 123 7.36 3.41 -9.79
CA GLU C 123 6.87 3.62 -8.42
C GLU C 123 6.14 2.33 -8.07
N GLY C 124 6.48 1.76 -6.92
CA GLY C 124 5.75 0.62 -6.36
C GLY C 124 5.78 -0.56 -7.30
N ASN C 125 4.63 -0.95 -7.81
CA ASN C 125 4.53 -2.15 -8.68
C ASN C 125 4.30 -1.70 -10.13
N HIS C 126 4.73 -0.48 -10.47
CA HIS C 126 4.50 0.13 -11.80
C HIS C 126 5.80 0.55 -12.47
N ILE C 127 5.88 0.34 -13.78
CA ILE C 127 6.90 0.94 -14.66
C ILE C 127 6.22 2.05 -15.46
N TYR C 128 6.95 3.09 -15.82
CA TYR C 128 6.42 4.20 -16.65
C TYR C 128 6.75 3.92 -18.12
N ALA C 129 5.70 3.84 -18.93
CA ALA C 129 5.72 4.08 -20.38
C ALA C 129 5.82 5.59 -20.59
N TYR C 130 5.79 6.05 -21.83
CA TYR C 130 5.88 7.49 -22.19
C TYR C 130 4.71 8.27 -21.56
N ASP C 131 3.51 7.71 -21.51
CA ASP C 131 2.26 8.47 -21.26
C ASP C 131 1.57 8.08 -19.95
N ALA C 132 1.85 6.91 -19.38
CA ALA C 132 1.26 6.49 -18.07
C ALA C 132 1.94 5.23 -17.56
N LYS C 133 1.66 4.88 -16.29
CA LYS C 133 2.33 3.75 -15.61
C LYS C 133 1.58 2.46 -15.96
N ILE C 134 2.31 1.35 -15.97
CA ILE C 134 1.77 0.00 -16.22
C ILE C 134 2.15 -0.90 -15.05
N GLU C 135 1.18 -1.70 -14.60
CA GLU C 135 1.31 -2.68 -13.50
C GLU C 135 2.30 -3.77 -13.95
N ILE C 136 3.46 -3.89 -13.29
CA ILE C 136 4.54 -4.86 -13.66
C ILE C 136 3.96 -6.30 -13.69
N GLN C 137 3.14 -6.67 -12.72
CA GLN C 137 2.53 -8.02 -12.62
C GLN C 137 1.84 -8.39 -13.95
N THR C 138 1.22 -7.45 -14.65
CA THR C 138 0.48 -7.75 -15.91
C THR C 138 1.48 -8.05 -17.04
N LEU C 139 2.68 -7.47 -16.99
CA LEU C 139 3.72 -7.72 -18.02
C LEU C 139 4.35 -9.09 -17.78
N THR C 140 4.68 -9.43 -16.53
CA THR C 140 5.25 -10.76 -16.16
C THR C 140 4.16 -11.81 -16.33
N GLY C 141 2.93 -11.45 -15.96
CA GLY C 141 1.74 -12.33 -16.06
C GLY C 141 1.57 -12.95 -17.43
N LEU C 142 2.03 -12.27 -18.49
CA LEU C 142 1.83 -12.71 -19.89
C LEU C 142 2.71 -13.92 -20.19
N PHE C 143 3.77 -14.16 -19.40
CA PHE C 143 4.74 -15.27 -19.63
C PHE C 143 4.63 -16.38 -18.57
N LYS C 144 3.66 -16.26 -17.64
CA LYS C 144 3.43 -17.18 -16.49
C LYS C 144 3.62 -18.67 -16.82
N GLY C 145 3.53 -19.09 -18.07
CA GLY C 145 3.42 -20.54 -18.40
C GLY C 145 1.96 -20.95 -18.39
N ASP C 146 1.13 -20.50 -17.44
CA ASP C 146 -0.35 -20.52 -17.59
C ASP C 146 -0.73 -19.97 -18.97
N LYS C 147 -0.17 -18.83 -19.37
CA LYS C 147 -0.59 -18.06 -20.57
C LYS C 147 0.41 -18.21 -21.72
N CYS C 148 1.53 -18.90 -21.53
CA CYS C 148 2.61 -19.00 -22.54
C CYS C 148 3.32 -20.36 -22.42
N HIS C 149 2.78 -21.38 -23.09
CA HIS C 149 3.17 -22.81 -22.94
C HIS C 149 4.61 -23.00 -23.44
N SER C 150 4.98 -22.38 -24.55
CA SER C 150 6.31 -22.53 -25.20
C SER C 150 7.45 -22.21 -24.21
N LEU C 151 7.16 -21.51 -23.11
CA LEU C 151 8.19 -20.99 -22.16
C LEU C 151 8.14 -21.73 -20.81
N VAL C 152 7.07 -22.48 -20.54
CA VAL C 152 6.99 -23.36 -19.33
C VAL C 152 8.32 -24.09 -19.17
N GLY C 153 8.94 -23.99 -17.99
CA GLY C 153 10.14 -24.76 -17.62
C GLY C 153 11.41 -24.14 -18.15
N LYS C 154 11.29 -23.03 -18.88
CA LYS C 154 12.44 -22.25 -19.40
C LYS C 154 12.56 -20.95 -18.62
N PRO C 155 13.78 -20.43 -18.37
CA PRO C 155 13.95 -19.22 -17.57
C PRO C 155 13.33 -17.99 -18.21
N LYS C 156 12.59 -17.20 -17.44
CA LYS C 156 12.06 -15.88 -17.87
C LYS C 156 12.71 -14.82 -17.00
N ILE C 157 13.70 -14.10 -17.53
CA ILE C 157 14.49 -13.09 -16.78
C ILE C 157 13.92 -11.70 -17.07
N PHE C 158 13.53 -10.95 -16.04
CA PHE C 158 13.25 -9.49 -16.13
C PHE C 158 14.37 -8.70 -15.44
N ILE C 159 14.82 -7.64 -16.09
CA ILE C 159 15.84 -6.69 -15.55
C ILE C 159 15.22 -5.31 -15.52
N ILE C 160 15.25 -4.64 -14.37
CA ILE C 160 14.48 -3.37 -14.16
C ILE C 160 15.40 -2.32 -13.53
N GLN C 161 15.73 -1.31 -14.33
CA GLN C 161 16.46 -0.10 -13.91
C GLN C 161 15.40 1.00 -13.84
N ALA C 162 14.75 1.12 -12.69
CA ALA C 162 13.64 2.07 -12.48
C ALA C 162 13.67 2.63 -11.06
N ALA C 163 13.44 3.93 -10.97
CA ALA C 163 13.46 4.69 -9.70
C ALA C 163 12.57 5.93 -9.87
N ARG C 164 12.55 6.80 -8.85
CA ARG C 164 11.66 7.98 -8.74
C ARG C 164 12.32 9.18 -9.43
N GLY C 165 11.62 9.78 -10.39
CA GLY C 165 12.10 11.01 -11.05
C GLY C 165 11.93 12.19 -10.13
N ASN C 166 13.00 12.69 -9.50
CA ASN C 166 12.95 13.93 -8.66
C ASN C 166 12.93 15.14 -9.61
N GLN C 167 12.24 16.23 -9.25
CA GLN C 167 12.35 17.56 -9.93
C GLN C 167 13.20 18.51 -9.08
N THR C 187 30.12 17.77 -18.23
CA THR C 187 29.55 17.05 -19.40
C THR C 187 28.83 15.78 -18.92
N ASN C 188 29.58 14.85 -18.29
CA ASN C 188 29.08 13.58 -17.69
C ASN C 188 28.88 13.78 -16.16
N ILE C 189 27.67 14.19 -15.75
CA ILE C 189 27.25 14.29 -14.32
C ILE C 189 26.66 12.94 -13.89
N THR C 190 26.77 12.61 -12.60
CA THR C 190 26.13 11.43 -11.99
C THR C 190 24.84 11.89 -11.29
N GLU C 191 23.66 11.61 -11.85
CA GLU C 191 22.33 11.91 -11.23
C GLU C 191 21.95 10.75 -10.32
N VAL C 192 21.25 11.04 -9.23
CA VAL C 192 20.92 10.05 -8.17
C VAL C 192 19.42 10.13 -7.85
N ASP C 193 18.71 9.01 -8.06
CA ASP C 193 17.27 8.81 -7.78
C ASP C 193 17.13 7.91 -6.54
N ALA C 194 16.07 8.10 -5.78
CA ALA C 194 15.69 7.22 -4.65
C ALA C 194 15.07 5.94 -5.21
N ALA C 195 15.43 4.79 -4.66
CA ALA C 195 14.76 3.51 -4.98
C ALA C 195 13.25 3.70 -4.82
N SER C 196 12.45 3.16 -5.74
CA SER C 196 10.97 3.31 -5.70
C SER C 196 10.24 2.03 -6.08
N VAL C 197 10.85 1.19 -6.92
CA VAL C 197 10.15 0.01 -7.51
C VAL C 197 10.35 -1.17 -6.57
N TYR C 198 9.22 -1.73 -6.13
CA TYR C 198 9.15 -2.94 -5.28
C TYR C 198 9.92 -4.06 -5.98
N THR C 199 10.68 -4.82 -5.21
CA THR C 199 11.47 -5.99 -5.68
C THR C 199 10.54 -7.20 -5.74
N LEU C 200 9.56 -7.15 -6.66
CA LEU C 200 8.49 -8.17 -6.81
C LEU C 200 9.11 -9.48 -7.25
N PRO C 201 8.50 -10.62 -6.87
CA PRO C 201 8.80 -11.91 -7.49
C PRO C 201 7.85 -12.05 -8.69
N ALA C 202 7.61 -13.27 -9.18
CA ALA C 202 6.75 -13.46 -10.38
C ALA C 202 6.13 -14.85 -10.35
N GLY C 203 6.88 -15.88 -10.71
CA GLY C 203 6.32 -17.22 -10.91
C GLY C 203 7.41 -18.25 -11.13
N ALA C 204 7.02 -19.52 -11.24
CA ALA C 204 8.02 -20.60 -11.45
C ALA C 204 8.90 -20.20 -12.63
N ASP C 205 10.21 -20.26 -12.42
CA ASP C 205 11.27 -20.16 -13.46
C ASP C 205 11.42 -18.72 -13.93
N PHE C 206 10.92 -17.75 -13.14
CA PHE C 206 11.23 -16.30 -13.33
C PHE C 206 12.45 -15.88 -12.49
N LEU C 207 13.21 -14.92 -12.99
CA LEU C 207 14.32 -14.25 -12.26
C LEU C 207 14.12 -12.75 -12.39
N MET C 208 13.67 -12.07 -11.34
CA MET C 208 13.46 -10.60 -11.35
C MET C 208 14.74 -9.95 -10.83
N CYS C 209 15.34 -9.06 -11.62
CA CYS C 209 16.64 -8.39 -11.34
C CYS C 209 16.41 -6.89 -11.21
N TYR C 210 16.92 -6.27 -10.13
CA TYR C 210 16.59 -4.88 -9.73
C TYR C 210 17.86 -4.07 -9.49
N SER C 211 17.95 -2.92 -10.16
CA SER C 211 18.99 -1.86 -10.03
C SER C 211 19.27 -1.51 -8.58
N VAL C 212 18.26 -1.54 -7.70
CA VAL C 212 18.34 -0.94 -6.35
C VAL C 212 17.22 -1.49 -5.46
N ALA C 213 17.50 -1.65 -4.17
CA ALA C 213 16.55 -2.16 -3.15
C ALA C 213 16.02 -1.01 -2.31
N GLU C 214 14.96 -1.26 -1.53
CA GLU C 214 14.29 -0.26 -0.64
C GLU C 214 15.35 0.41 0.23
N GLY C 215 15.22 1.73 0.42
CA GLY C 215 16.09 2.54 1.29
C GLY C 215 17.39 2.96 0.64
N TYR C 216 17.81 2.34 -0.46
CA TYR C 216 19.09 2.68 -1.15
C TYR C 216 18.79 3.63 -2.32
N TYR C 217 19.82 3.97 -3.10
CA TYR C 217 19.76 4.99 -4.17
C TYR C 217 20.33 4.43 -5.47
N SER C 218 19.74 4.84 -6.59
CA SER C 218 20.16 4.44 -7.96
C SER C 218 20.93 5.60 -8.60
N HIS C 219 22.08 5.30 -9.20
CA HIS C 219 22.99 6.27 -9.86
C HIS C 219 22.96 6.06 -11.38
N ARG C 220 22.83 7.15 -12.15
CA ARG C 220 22.97 7.16 -13.63
C ARG C 220 23.89 8.32 -14.06
N GLU C 221 25.02 7.99 -14.68
CA GLU C 221 25.98 8.91 -15.35
C GLU C 221 25.35 9.30 -16.69
N THR C 222 25.37 10.57 -17.09
CA THR C 222 24.55 11.11 -18.21
C THR C 222 25.10 10.69 -19.59
N VAL C 223 26.27 10.06 -19.64
CA VAL C 223 26.96 9.62 -20.87
C VAL C 223 27.25 8.12 -20.73
N ASN C 224 27.79 7.70 -19.59
CA ASN C 224 28.24 6.31 -19.33
C ASN C 224 27.07 5.41 -18.97
N GLY C 225 25.99 5.96 -18.39
CA GLY C 225 24.74 5.26 -18.07
C GLY C 225 24.66 4.80 -16.63
N SER C 226 23.62 4.02 -16.31
CA SER C 226 23.28 3.55 -14.95
C SER C 226 24.43 2.68 -14.38
N TRP C 227 24.77 2.89 -13.11
CA TRP C 227 25.81 2.11 -12.38
C TRP C 227 25.50 0.62 -12.48
N TYR C 228 24.24 0.23 -12.22
CA TYR C 228 23.75 -1.17 -12.27
C TYR C 228 24.10 -1.76 -13.65
N ILE C 229 23.70 -1.06 -14.71
CA ILE C 229 23.76 -1.58 -16.11
C ILE C 229 25.22 -1.64 -16.54
N GLN C 230 26.02 -0.63 -16.17
CA GLN C 230 27.47 -0.62 -16.47
C GLN C 230 28.08 -1.91 -15.92
N ASP C 231 27.84 -2.19 -14.63
CA ASP C 231 28.49 -3.33 -13.92
C ASP C 231 27.84 -4.63 -14.40
N LEU C 232 26.54 -4.64 -14.66
CA LEU C 232 25.88 -5.84 -15.23
C LEU C 232 26.58 -6.20 -16.54
N CYS C 233 26.74 -5.20 -17.41
CA CYS C 233 27.29 -5.37 -18.78
C CYS C 233 28.78 -5.71 -18.71
N GLU C 234 29.54 -5.12 -17.78
CA GLU C 234 30.97 -5.49 -17.61
C GLU C 234 31.04 -6.99 -17.34
N MET C 235 30.19 -7.47 -16.41
CA MET C 235 30.21 -8.88 -15.94
C MET C 235 29.70 -9.81 -17.05
N LEU C 236 28.70 -9.37 -17.81
CA LEU C 236 28.22 -10.14 -18.98
C LEU C 236 29.40 -10.33 -19.95
N GLY C 237 30.11 -9.24 -20.26
CA GLY C 237 31.29 -9.25 -21.15
C GLY C 237 32.29 -10.30 -20.71
N LYS C 238 32.76 -10.20 -19.46
CA LYS C 238 33.84 -11.06 -18.92
C LYS C 238 33.33 -12.50 -18.71
N TYR C 239 32.18 -12.68 -18.06
CA TYR C 239 31.79 -13.98 -17.46
C TYR C 239 30.46 -14.54 -18.00
N GLY C 240 29.69 -13.78 -18.78
CA GLY C 240 28.35 -14.19 -19.26
C GLY C 240 28.30 -15.63 -19.73
N SER C 241 29.29 -16.03 -20.54
CA SER C 241 29.28 -17.32 -21.29
C SER C 241 29.84 -18.47 -20.46
N SER C 242 30.44 -18.22 -19.29
CA SER C 242 31.02 -19.28 -18.42
C SER C 242 30.18 -19.44 -17.13
N LEU C 243 29.84 -18.35 -16.45
CA LEU C 243 29.30 -18.38 -15.07
C LEU C 243 27.79 -18.61 -15.07
N GLU C 244 27.32 -19.27 -14.00
CA GLU C 244 25.89 -19.38 -13.65
C GLU C 244 25.35 -17.97 -13.45
N PHE C 245 24.14 -17.68 -13.91
CA PHE C 245 23.68 -16.29 -14.10
C PHE C 245 23.50 -15.62 -12.74
N THR C 246 23.03 -16.33 -11.72
CA THR C 246 22.84 -15.79 -10.35
C THR C 246 24.21 -15.56 -9.72
N GLU C 247 25.21 -16.41 -10.00
CA GLU C 247 26.62 -16.22 -9.56
C GLU C 247 27.09 -14.85 -10.06
N LEU C 248 26.77 -14.57 -11.33
CA LEU C 248 27.16 -13.34 -12.05
C LEU C 248 26.48 -12.13 -11.40
N LEU C 249 25.15 -12.20 -11.25
CA LEU C 249 24.32 -11.12 -10.67
C LEU C 249 24.84 -10.76 -9.28
N THR C 250 25.38 -11.75 -8.57
CA THR C 250 25.99 -11.59 -7.21
C THR C 250 27.24 -10.73 -7.34
N LEU C 251 28.08 -11.00 -8.35
CA LEU C 251 29.26 -10.16 -8.65
C LEU C 251 28.80 -8.72 -8.89
N VAL C 252 27.68 -8.55 -9.61
CA VAL C 252 27.12 -7.21 -9.91
C VAL C 252 26.76 -6.52 -8.58
N ASN C 253 26.20 -7.27 -7.64
CA ASN C 253 25.83 -6.73 -6.31
C ASN C 253 27.11 -6.29 -5.60
N ARG C 254 28.18 -7.07 -5.68
CA ARG C 254 29.48 -6.67 -5.08
C ARG C 254 29.95 -5.40 -5.80
N LYS C 255 30.13 -5.46 -7.12
CA LYS C 255 30.69 -4.37 -7.95
C LYS C 255 30.00 -3.05 -7.57
N VAL C 256 28.68 -3.05 -7.46
CA VAL C 256 27.86 -1.82 -7.26
C VAL C 256 27.91 -1.38 -5.78
N SER C 257 27.78 -2.32 -4.84
CA SER C 257 27.83 -1.99 -3.39
C SER C 257 29.19 -1.34 -3.08
N GLN C 258 30.27 -1.87 -3.67
CA GLN C 258 31.68 -1.41 -3.53
C GLN C 258 31.89 -0.01 -4.12
N ARG C 259 31.06 0.47 -5.04
CA ARG C 259 31.21 1.86 -5.58
C ARG C 259 31.10 2.86 -4.43
N ARG C 260 32.13 3.69 -4.29
CA ARG C 260 32.32 4.71 -3.22
C ARG C 260 31.38 5.89 -3.46
N VAL C 261 30.86 6.46 -2.36
CA VAL C 261 29.87 7.58 -2.40
C VAL C 261 30.17 8.54 -1.23
N ASP C 262 31.46 8.69 -0.87
CA ASP C 262 31.92 9.57 0.26
C ASP C 262 32.46 10.88 -0.33
N PHE C 263 33.33 10.83 -1.34
CA PHE C 263 33.89 12.01 -2.06
C PHE C 263 33.11 12.21 -3.35
N CYS C 264 32.05 13.03 -3.32
CA CYS C 264 31.08 13.29 -4.43
C CYS C 264 31.03 14.78 -4.79
N LYS C 265 30.99 15.12 -6.09
CA LYS C 265 30.95 16.53 -6.57
C LYS C 265 29.74 17.26 -5.98
N ASP C 266 28.55 16.66 -6.04
CA ASP C 266 27.35 17.18 -5.31
C ASP C 266 27.51 16.81 -3.83
N PRO C 267 27.48 17.79 -2.88
CA PRO C 267 27.53 17.46 -1.45
C PRO C 267 26.34 16.64 -0.95
N SER C 268 25.16 16.78 -1.58
CA SER C 268 23.87 16.17 -1.17
C SER C 268 23.78 14.72 -1.66
N ALA C 269 24.66 14.28 -2.55
CA ALA C 269 24.71 12.90 -3.12
C ALA C 269 25.68 12.03 -2.32
N ILE C 270 26.15 12.51 -1.17
CA ILE C 270 27.14 11.81 -0.29
C ILE C 270 26.39 10.84 0.63
N GLY C 271 26.93 9.63 0.81
CA GLY C 271 26.42 8.62 1.76
C GLY C 271 25.18 7.90 1.24
N LYS C 272 24.85 8.07 -0.04
CA LYS C 272 23.70 7.43 -0.72
C LYS C 272 24.21 6.18 -1.46
N LYS C 273 24.32 5.03 -0.79
CA LYS C 273 24.88 3.79 -1.40
C LYS C 273 23.87 3.21 -2.38
N GLN C 274 24.36 2.40 -3.32
CA GLN C 274 23.51 1.60 -4.21
C GLN C 274 23.71 0.13 -3.86
N VAL C 275 22.63 -0.55 -3.50
CA VAL C 275 22.59 -2.02 -3.29
C VAL C 275 21.51 -2.60 -4.21
N PRO C 276 21.89 -3.28 -5.31
CA PRO C 276 20.92 -3.96 -6.16
C PRO C 276 20.61 -5.32 -5.52
N CYS C 277 19.55 -5.96 -5.99
CA CYS C 277 19.17 -7.34 -5.61
C CYS C 277 18.55 -8.07 -6.81
N PHE C 278 18.20 -9.34 -6.56
CA PHE C 278 17.43 -10.20 -7.49
C PHE C 278 16.59 -11.18 -6.70
N ALA C 279 15.39 -11.45 -7.21
CA ALA C 279 14.43 -12.40 -6.63
C ALA C 279 14.38 -13.63 -7.55
N SER C 280 15.08 -14.70 -7.20
CA SER C 280 15.14 -15.97 -8.00
C SER C 280 13.93 -16.81 -7.64
N MET C 281 13.25 -17.30 -8.65
CA MET C 281 12.20 -18.33 -8.53
C MET C 281 12.58 -19.43 -9.52
N LEU C 282 13.85 -19.41 -9.92
CA LEU C 282 14.48 -20.42 -10.80
C LEU C 282 14.49 -21.75 -10.03
N THR C 283 14.58 -22.85 -10.76
CA THR C 283 14.49 -24.21 -10.20
C THR C 283 15.74 -25.00 -10.60
N LYS C 284 16.64 -24.40 -11.37
CA LYS C 284 17.84 -25.08 -11.90
C LYS C 284 18.94 -24.05 -12.08
N LYS C 285 20.16 -24.53 -12.30
CA LYS C 285 21.32 -23.66 -12.66
C LYS C 285 21.05 -23.11 -14.07
N LEU C 286 21.46 -21.87 -14.33
CA LEU C 286 21.24 -21.16 -15.60
C LEU C 286 22.59 -20.73 -16.16
N HIS C 287 22.99 -21.29 -17.30
CA HIS C 287 24.26 -20.96 -17.99
C HIS C 287 23.97 -20.51 -19.42
N PHE C 288 24.75 -19.56 -19.92
CA PHE C 288 24.63 -19.05 -21.31
C PHE C 288 25.88 -19.47 -22.08
N PHE C 289 26.20 -20.77 -22.07
CA PHE C 289 27.34 -21.35 -22.82
C PHE C 289 27.17 -21.04 -24.32
N PRO C 290 28.27 -20.75 -25.04
CA PRO C 290 28.19 -20.45 -26.46
C PRO C 290 27.44 -21.55 -27.20
N LYS C 291 26.49 -21.19 -28.06
CA LYS C 291 25.70 -22.17 -28.87
C LYS C 291 26.53 -22.61 -30.09
N SER C 292 26.38 -23.87 -30.51
CA SER C 292 27.09 -24.47 -31.66
C SER C 292 26.42 -24.03 -32.97
N ASN C 293 27.19 -23.44 -33.90
CA ASN C 293 26.66 -22.84 -35.14
C ASN C 293 26.10 -23.95 -36.04
N MET D 30 43.16 -8.59 -9.57
CA MET D 30 42.69 -8.30 -8.18
C MET D 30 41.31 -8.95 -7.96
N PHE D 31 40.30 -8.54 -8.75
CA PHE D 31 38.85 -8.89 -8.60
C PHE D 31 38.56 -10.33 -9.06
N ASP D 32 37.74 -11.06 -8.32
CA ASP D 32 37.69 -12.56 -8.35
C ASP D 32 36.26 -13.07 -8.44
N PRO D 33 35.86 -13.70 -9.58
CA PRO D 33 34.48 -14.15 -9.75
C PRO D 33 34.04 -15.33 -8.85
N ALA D 34 34.97 -16.03 -8.20
CA ALA D 34 34.67 -17.24 -7.40
C ALA D 34 34.91 -16.96 -5.92
N GLU D 35 35.01 -15.68 -5.55
CA GLU D 35 35.24 -15.23 -4.16
C GLU D 35 34.09 -15.74 -3.28
N LYS D 36 34.44 -16.32 -2.12
CA LYS D 36 33.50 -16.84 -1.09
C LYS D 36 33.50 -15.91 0.12
N TYR D 37 32.37 -15.81 0.82
CA TYR D 37 32.32 -15.21 2.18
C TYR D 37 33.35 -15.94 3.03
N LYS D 38 34.05 -15.24 3.90
CA LYS D 38 35.05 -15.88 4.81
C LYS D 38 34.28 -16.58 5.93
N MET D 39 34.36 -17.91 5.97
CA MET D 39 33.57 -18.76 6.90
C MET D 39 34.53 -19.58 7.78
N ASP D 40 35.61 -18.94 8.24
CA ASP D 40 36.72 -19.52 9.06
C ASP D 40 36.80 -18.79 10.41
N HIS D 41 35.70 -18.22 10.92
CA HIS D 41 35.64 -17.57 12.26
C HIS D 41 35.51 -18.67 13.32
N ARG D 42 35.74 -18.32 14.60
CA ARG D 42 35.79 -19.30 15.73
C ARG D 42 34.46 -20.08 15.78
N ARG D 43 33.32 -19.38 15.83
CA ARG D 43 31.95 -19.95 15.84
C ARG D 43 31.24 -19.64 14.51
N ARG D 44 30.26 -20.46 14.13
CA ARG D 44 29.43 -20.24 12.90
C ARG D 44 28.57 -19.00 13.07
N GLY D 45 27.88 -18.90 14.21
CA GLY D 45 27.02 -17.76 14.56
C GLY D 45 25.68 -18.20 15.12
N ILE D 46 24.80 -17.26 15.39
CA ILE D 46 23.48 -17.51 16.03
C ILE D 46 22.43 -17.73 14.95
N ALA D 47 21.52 -18.68 15.17
CA ALA D 47 20.23 -18.81 14.43
C ALA D 47 19.09 -18.57 15.40
N LEU D 48 18.46 -17.40 15.35
CA LEU D 48 17.17 -17.12 16.02
C LEU D 48 16.06 -17.89 15.30
N ILE D 49 15.11 -18.45 16.04
CA ILE D 49 13.84 -19.00 15.47
C ILE D 49 12.68 -18.52 16.33
N PHE D 50 11.94 -17.54 15.84
CA PHE D 50 10.67 -17.08 16.45
C PHE D 50 9.54 -17.95 15.89
N ASN D 51 8.89 -18.70 16.76
CA ASN D 51 7.91 -19.76 16.40
C ASN D 51 6.57 -19.40 17.02
N HIS D 52 5.55 -19.18 16.19
CA HIS D 52 4.20 -18.73 16.62
C HIS D 52 3.18 -19.78 16.18
N GLU D 53 2.52 -20.39 17.18
CA GLU D 53 1.50 -21.46 17.00
C GLU D 53 0.10 -20.90 17.28
N ARG D 54 -0.01 -20.12 18.36
CA ARG D 54 -1.29 -19.55 18.86
C ARG D 54 -1.11 -18.04 18.89
N PHE D 55 -2.23 -17.31 18.93
CA PHE D 55 -2.27 -15.83 18.95
C PHE D 55 -3.35 -15.36 19.91
N PHE D 56 -3.13 -14.21 20.51
CA PHE D 56 -4.12 -13.43 21.30
C PHE D 56 -5.52 -13.57 20.69
N TRP D 57 -6.54 -13.89 21.50
CA TRP D 57 -7.91 -14.20 21.00
C TRP D 57 -8.32 -13.10 20.00
N HIS D 58 -8.19 -11.83 20.39
CA HIS D 58 -8.81 -10.64 19.75
C HIS D 58 -8.12 -10.26 18.42
N LEU D 59 -7.13 -11.04 17.97
CA LEU D 59 -6.55 -10.93 16.60
C LEU D 59 -7.33 -11.81 15.62
N THR D 60 -7.97 -12.88 16.11
CA THR D 60 -8.77 -13.83 15.30
C THR D 60 -7.89 -14.44 14.22
N LEU D 61 -6.77 -15.05 14.62
CA LEU D 61 -5.84 -15.79 13.73
C LEU D 61 -5.82 -17.24 14.18
N PRO D 62 -5.88 -18.21 13.25
CA PRO D 62 -5.97 -19.61 13.61
C PRO D 62 -4.65 -20.20 14.13
N GLU D 63 -4.74 -21.28 14.92
CA GLU D 63 -3.59 -22.11 15.32
C GLU D 63 -2.83 -22.49 14.04
N ARG D 64 -1.51 -22.43 14.10
CA ARG D 64 -0.65 -22.92 13.00
C ARG D 64 -0.19 -24.33 13.39
N ARG D 65 -1.12 -25.27 13.50
CA ARG D 65 -0.81 -26.68 13.88
C ARG D 65 0.21 -27.22 12.87
N GLY D 66 1.41 -27.58 13.34
CA GLY D 66 2.51 -28.13 12.53
C GLY D 66 3.79 -27.31 12.66
N THR D 67 3.68 -26.06 13.10
CA THR D 67 4.79 -25.08 13.17
C THR D 67 5.88 -25.61 14.08
N CYS D 68 5.57 -26.56 14.97
CA CYS D 68 6.56 -27.14 15.90
C CYS D 68 7.47 -28.10 15.12
N ALA D 69 6.92 -28.83 14.16
CA ALA D 69 7.75 -29.69 13.27
C ALA D 69 8.78 -28.80 12.58
N ASP D 70 8.32 -27.67 12.03
CA ASP D 70 9.17 -26.68 11.33
C ASP D 70 10.32 -26.28 12.25
N ARG D 71 9.97 -25.81 13.46
CA ARG D 71 10.93 -25.28 14.47
C ARG D 71 11.98 -26.35 14.78
N ASP D 72 11.56 -27.59 15.00
CA ASP D 72 12.44 -28.70 15.45
C ASP D 72 13.33 -29.10 14.27
N ASN D 73 12.74 -29.30 13.10
CA ASN D 73 13.48 -29.66 11.85
C ASN D 73 14.54 -28.60 11.57
N LEU D 74 14.16 -27.32 11.60
CA LEU D 74 15.13 -26.21 11.41
C LEU D 74 16.22 -26.29 12.49
N THR D 75 15.82 -26.41 13.76
CA THR D 75 16.74 -26.37 14.92
C THR D 75 17.84 -27.42 14.69
N ARG D 76 17.45 -28.61 14.24
CA ARG D 76 18.39 -29.74 14.07
C ARG D 76 19.35 -29.41 12.93
N ARG D 77 18.85 -29.04 11.75
CA ARG D 77 19.68 -28.87 10.55
C ARG D 77 20.67 -27.73 10.74
N PHE D 78 20.24 -26.64 11.36
CA PHE D 78 21.10 -25.47 11.61
C PHE D 78 22.11 -25.78 12.72
N SER D 79 21.77 -26.64 13.66
CA SER D 79 22.72 -27.13 14.70
C SER D 79 23.83 -27.95 14.01
N ASP D 80 23.47 -28.92 13.17
CA ASP D 80 24.45 -29.80 12.47
C ASP D 80 25.36 -28.95 11.56
N LEU D 81 25.05 -27.68 11.32
CA LEU D 81 25.89 -26.78 10.50
C LEU D 81 26.76 -25.88 11.39
N GLY D 82 26.51 -25.89 12.70
CA GLY D 82 27.40 -25.27 13.70
C GLY D 82 26.79 -24.02 14.31
N PHE D 83 25.51 -23.76 14.05
CA PHE D 83 24.80 -22.58 14.61
C PHE D 83 24.45 -22.87 16.07
N GLU D 84 24.65 -21.87 16.92
CA GLU D 84 24.01 -21.76 18.25
C GLU D 84 22.56 -21.38 17.95
N VAL D 85 21.63 -22.35 17.97
CA VAL D 85 20.19 -22.12 17.65
C VAL D 85 19.46 -21.69 18.92
N LYS D 86 18.76 -20.56 18.89
CA LYS D 86 17.95 -20.09 20.04
C LYS D 86 16.51 -19.94 19.57
N CYS D 87 15.62 -20.85 20.01
CA CYS D 87 14.16 -20.87 19.68
C CYS D 87 13.41 -20.05 20.72
N PHE D 88 12.33 -19.38 20.29
CA PHE D 88 11.43 -18.59 21.17
C PHE D 88 9.99 -18.80 20.73
N ASN D 89 9.18 -19.35 21.63
CA ASN D 89 7.79 -19.78 21.35
C ASN D 89 6.81 -18.69 21.78
N ASP D 90 6.05 -18.15 20.84
CA ASP D 90 4.82 -17.37 21.07
C ASP D 90 5.15 -16.11 21.88
N LEU D 91 6.24 -15.42 21.54
CA LEU D 91 6.62 -14.15 22.22
C LEU D 91 5.61 -13.05 21.87
N LYS D 92 5.31 -12.17 22.81
CA LYS D 92 4.59 -10.90 22.56
C LYS D 92 5.58 -9.92 21.90
N ALA D 93 5.08 -8.86 21.29
CA ALA D 93 5.89 -7.90 20.50
C ALA D 93 7.05 -7.40 21.35
N GLU D 94 6.75 -6.93 22.57
CA GLU D 94 7.77 -6.39 23.49
C GLU D 94 8.87 -7.44 23.65
N GLU D 95 8.50 -8.66 24.05
CA GLU D 95 9.47 -9.76 24.33
C GLU D 95 10.36 -9.96 23.09
N LEU D 96 9.74 -9.99 21.90
CA LEU D 96 10.43 -10.36 20.64
C LEU D 96 11.42 -9.25 20.30
N LEU D 97 10.96 -8.00 20.27
CA LEU D 97 11.81 -6.83 19.99
C LEU D 97 13.00 -6.82 20.97
N LEU D 98 12.78 -7.16 22.24
CA LEU D 98 13.87 -7.18 23.25
C LEU D 98 14.88 -8.27 22.88
N LYS D 99 14.42 -9.49 22.61
CA LYS D 99 15.34 -10.64 22.43
C LYS D 99 16.16 -10.40 21.16
N ILE D 100 15.58 -9.75 20.16
CA ILE D 100 16.23 -9.57 18.84
C ILE D 100 17.16 -8.35 18.90
N HIS D 101 16.81 -7.33 19.67
CA HIS D 101 17.69 -6.15 19.87
C HIS D 101 18.91 -6.59 20.69
N GLU D 102 18.68 -7.38 21.74
CA GLU D 102 19.76 -8.06 22.51
C GLU D 102 20.77 -8.62 21.52
N VAL D 103 20.31 -9.48 20.62
CA VAL D 103 21.20 -10.27 19.73
C VAL D 103 21.94 -9.33 18.77
N SER D 104 21.32 -8.21 18.38
CA SER D 104 21.92 -7.27 17.41
C SER D 104 23.07 -6.48 18.06
N THR D 105 23.06 -6.30 19.38
CA THR D 105 24.02 -5.43 20.12
C THR D 105 25.16 -6.27 20.73
N VAL D 106 24.94 -7.54 21.02
CA VAL D 106 26.02 -8.54 21.27
C VAL D 106 27.02 -8.45 20.11
N SER D 107 28.28 -8.82 20.36
CA SER D 107 29.35 -8.86 19.34
C SER D 107 29.25 -10.18 18.57
N HIS D 108 29.23 -10.09 17.24
CA HIS D 108 29.33 -11.21 16.27
C HIS D 108 30.73 -11.22 15.64
N ALA D 109 31.68 -10.49 16.23
CA ALA D 109 33.07 -10.36 15.74
C ALA D 109 33.65 -11.75 15.46
N ASP D 110 33.37 -12.73 16.33
CA ASP D 110 33.92 -14.11 16.28
C ASP D 110 33.06 -15.04 15.43
N ALA D 111 32.11 -14.52 14.65
CA ALA D 111 31.04 -15.31 13.98
C ALA D 111 31.12 -15.19 12.47
N ASP D 112 30.77 -16.29 11.78
CA ASP D 112 30.75 -16.37 10.29
C ASP D 112 29.57 -15.55 9.74
N CYS D 113 28.40 -15.68 10.36
CA CYS D 113 27.15 -15.10 9.83
C CYS D 113 26.06 -15.07 10.90
N PHE D 114 24.86 -14.65 10.52
CA PHE D 114 23.66 -14.59 11.38
C PHE D 114 22.44 -15.06 10.58
N VAL D 115 21.65 -15.94 11.18
CA VAL D 115 20.38 -16.48 10.63
C VAL D 115 19.24 -16.07 11.58
N CYS D 116 18.11 -15.71 11.02
CA CYS D 116 16.89 -15.37 11.78
C CYS D 116 15.70 -15.95 11.05
N VAL D 117 14.80 -16.65 11.75
CA VAL D 117 13.65 -17.37 11.15
C VAL D 117 12.36 -16.97 11.83
N PHE D 118 11.34 -16.63 11.04
CA PHE D 118 9.96 -16.35 11.49
C PHE D 118 9.02 -17.43 10.95
N LEU D 119 8.39 -18.15 11.89
CA LEU D 119 7.25 -19.07 11.62
C LEU D 119 6.01 -18.46 12.27
N SER D 120 5.21 -17.76 11.48
CA SER D 120 4.00 -17.07 12.00
C SER D 120 3.04 -16.75 10.84
N HIS D 121 2.03 -15.98 11.13
CA HIS D 121 1.20 -15.29 10.12
C HIS D 121 1.88 -13.97 9.79
N GLY D 122 1.52 -13.41 8.64
CA GLY D 122 1.98 -12.07 8.24
C GLY D 122 1.01 -11.44 7.27
N GLU D 123 1.29 -10.21 6.91
CA GLU D 123 0.51 -9.41 5.95
C GLU D 123 1.48 -8.31 5.50
N GLY D 124 1.67 -8.18 4.20
CA GLY D 124 2.44 -7.07 3.61
C GLY D 124 3.85 -7.07 4.11
N ASN D 125 4.23 -6.05 4.85
CA ASN D 125 5.63 -5.90 5.34
C ASN D 125 5.67 -6.20 6.84
N HIS D 126 4.72 -6.99 7.34
CA HIS D 126 4.57 -7.30 8.78
C HIS D 126 4.60 -8.80 9.05
N ILE D 127 5.24 -9.18 10.15
CA ILE D 127 5.14 -10.52 10.76
C ILE D 127 4.27 -10.37 12.01
N TYR D 128 3.54 -11.42 12.38
CA TYR D 128 2.71 -11.42 13.60
C TYR D 128 3.52 -12.06 14.74
N ALA D 129 3.73 -11.28 15.79
CA ALA D 129 4.00 -11.77 17.16
C ALA D 129 2.68 -12.31 17.73
N TYR D 130 2.68 -12.74 18.99
CA TYR D 130 1.49 -13.27 19.67
C TYR D 130 0.37 -12.22 19.73
N ASP D 131 0.70 -10.94 19.93
CA ASP D 131 -0.28 -9.90 20.36
C ASP D 131 -0.46 -8.80 19.29
N ALA D 132 0.46 -8.61 18.36
CA ALA D 132 0.31 -7.60 17.28
C ALA D 132 1.41 -7.79 16.23
N LYS D 133 1.26 -7.08 15.10
CA LYS D 133 2.18 -7.23 13.94
C LYS D 133 3.39 -6.32 14.17
N ILE D 134 4.52 -6.73 13.61
CA ILE D 134 5.80 -5.96 13.64
C ILE D 134 6.29 -5.75 12.21
N GLU D 135 6.73 -4.54 11.92
CA GLU D 135 7.28 -4.11 10.62
C GLU D 135 8.59 -4.88 10.38
N ILE D 136 8.65 -5.75 9.37
CA ILE D 136 9.84 -6.62 9.07
C ILE D 136 11.10 -5.75 8.89
N GLN D 137 10.99 -4.62 8.20
CA GLN D 137 12.13 -3.70 7.94
C GLN D 137 12.83 -3.34 9.26
N THR D 138 12.10 -3.19 10.37
CA THR D 138 12.70 -2.77 11.67
C THR D 138 13.50 -3.94 12.26
N LEU D 139 13.13 -5.18 11.97
CA LEU D 139 13.85 -6.38 12.46
C LEU D 139 15.14 -6.57 11.66
N THR D 140 15.08 -6.45 10.33
CA THR D 140 16.27 -6.55 9.44
C THR D 140 17.14 -5.32 9.67
N GLY D 141 16.51 -4.15 9.85
CA GLY D 141 17.18 -2.86 10.10
C GLY D 141 18.19 -2.93 11.23
N LEU D 142 17.99 -3.81 12.20
CA LEU D 142 18.84 -3.90 13.41
C LEU D 142 20.21 -4.49 13.05
N PHE D 143 20.31 -5.21 11.92
CA PHE D 143 21.56 -5.89 11.49
C PHE D 143 22.20 -5.22 10.27
N LYS D 144 21.62 -4.11 9.76
CA LYS D 144 22.21 -3.23 8.72
C LYS D 144 23.64 -2.89 9.17
N GLY D 145 24.64 -2.90 8.27
CA GLY D 145 26.02 -2.50 8.60
C GLY D 145 26.08 -1.31 9.55
N ASP D 146 25.29 -0.27 9.27
CA ASP D 146 25.18 0.99 10.05
C ASP D 146 25.13 0.64 11.55
N LYS D 147 24.25 -0.29 11.95
CA LYS D 147 23.76 -0.45 13.36
C LYS D 147 24.38 -1.68 14.03
N CYS D 148 25.13 -2.51 13.30
CA CYS D 148 25.71 -3.77 13.82
C CYS D 148 27.02 -4.08 13.09
N HIS D 149 28.12 -3.49 13.59
CA HIS D 149 29.46 -3.45 12.93
C HIS D 149 30.02 -4.88 12.84
N SER D 150 29.87 -5.69 13.90
CA SER D 150 30.44 -7.06 13.98
C SER D 150 29.98 -7.93 12.79
N LEU D 151 28.92 -7.54 12.08
CA LEU D 151 28.26 -8.36 11.03
C LEU D 151 28.47 -7.76 9.63
N VAL D 152 28.92 -6.51 9.53
CA VAL D 152 29.31 -5.88 8.24
C VAL D 152 30.13 -6.90 7.44
N GLY D 153 29.72 -7.17 6.20
CA GLY D 153 30.50 -7.98 5.25
C GLY D 153 30.28 -9.47 5.47
N LYS D 154 29.48 -9.83 6.47
CA LYS D 154 29.11 -11.23 6.77
C LYS D 154 27.65 -11.45 6.38
N PRO D 155 27.27 -12.65 5.89
CA PRO D 155 25.91 -12.88 5.43
C PRO D 155 24.88 -12.79 6.57
N LYS D 156 23.78 -12.08 6.34
CA LYS D 156 22.63 -12.03 7.28
C LYS D 156 21.43 -12.67 6.56
N ILE D 157 21.09 -13.91 6.91
CA ILE D 157 20.02 -14.69 6.24
C ILE D 157 18.75 -14.60 7.07
N PHE D 158 17.65 -14.14 6.48
CA PHE D 158 16.28 -14.26 7.06
C PHE D 158 15.46 -15.28 6.28
N ILE D 159 14.76 -16.14 7.00
CA ILE D 159 13.86 -17.18 6.43
C ILE D 159 12.46 -16.94 7.00
N ILE D 160 11.45 -16.80 6.14
CA ILE D 160 10.10 -16.34 6.54
C ILE D 160 9.03 -17.27 5.96
N GLN D 161 8.42 -18.05 6.85
CA GLN D 161 7.27 -18.92 6.55
C GLN D 161 6.07 -18.19 7.16
N ALA D 162 5.46 -17.31 6.38
CA ALA D 162 4.34 -16.45 6.84
C ALA D 162 3.35 -16.23 5.70
N ALA D 163 2.07 -16.31 6.06
CA ALA D 163 0.94 -16.16 5.12
C ALA D 163 -0.27 -15.70 5.92
N ARG D 164 -1.43 -15.61 5.24
CA ARG D 164 -2.71 -15.06 5.77
C ARG D 164 -3.47 -16.17 6.51
N GLY D 165 -3.85 -15.90 7.76
CA GLY D 165 -4.66 -16.80 8.59
C GLY D 165 -6.07 -16.94 8.04
N ASN D 166 -6.36 -18.12 7.47
CA ASN D 166 -7.56 -18.41 6.64
C ASN D 166 -8.87 -18.27 7.43
N GLN D 167 -8.96 -18.84 8.66
CA GLN D 167 -10.14 -18.73 9.57
C GLN D 167 -11.39 -19.38 8.92
N THR D 187 -5.85 -37.20 10.75
CA THR D 187 -4.90 -36.79 11.82
C THR D 187 -3.96 -35.69 11.27
N ASN D 188 -3.20 -36.00 10.21
CA ASN D 188 -2.29 -35.07 9.46
C ASN D 188 -3.01 -34.52 8.22
N ILE D 189 -3.72 -33.39 8.35
CA ILE D 189 -4.36 -32.67 7.19
C ILE D 189 -3.36 -31.64 6.66
N THR D 190 -3.49 -31.29 5.38
CA THR D 190 -2.70 -30.24 4.71
C THR D 190 -3.54 -28.96 4.65
N GLU D 191 -3.26 -27.95 5.48
CA GLU D 191 -3.95 -26.62 5.45
C GLU D 191 -3.24 -25.73 4.45
N VAL D 192 -3.99 -24.85 3.78
CA VAL D 192 -3.47 -24.01 2.67
C VAL D 192 -3.86 -22.53 2.93
N ASP D 193 -2.85 -21.67 3.05
CA ASP D 193 -2.96 -20.21 3.25
C ASP D 193 -2.57 -19.51 1.93
N ALA D 194 -3.15 -18.35 1.67
CA ALA D 194 -2.77 -17.49 0.53
C ALA D 194 -1.49 -16.74 0.88
N ALA D 195 -0.55 -16.64 -0.05
CA ALA D 195 0.65 -15.77 0.10
C ALA D 195 0.17 -14.37 0.52
N SER D 196 0.86 -13.75 1.47
CA SER D 196 0.47 -12.41 1.98
C SER D 196 1.69 -11.51 2.23
N VAL D 197 2.84 -12.10 2.55
CA VAL D 197 4.04 -11.33 2.99
C VAL D 197 4.84 -10.97 1.74
N TYR D 198 5.05 -9.66 1.56
CA TYR D 198 5.89 -9.08 0.50
C TYR D 198 7.27 -9.72 0.56
N THR D 199 7.82 -10.02 -0.61
CA THR D 199 9.19 -10.60 -0.78
C THR D 199 10.21 -9.45 -0.72
N LEU D 200 10.32 -8.82 0.45
CA LEU D 200 11.16 -7.61 0.67
C LEU D 200 12.62 -7.96 0.49
N PRO D 201 13.45 -6.99 0.07
CA PRO D 201 14.90 -7.09 0.20
C PRO D 201 15.28 -6.53 1.58
N ALA D 202 16.53 -6.10 1.78
CA ALA D 202 17.01 -5.63 3.09
C ALA D 202 18.22 -4.70 2.89
N GLY D 203 19.39 -5.26 2.61
CA GLY D 203 20.64 -4.47 2.57
C GLY D 203 21.80 -5.29 2.08
N ALA D 204 22.97 -4.66 1.97
CA ALA D 204 24.19 -5.35 1.53
C ALA D 204 24.35 -6.60 2.40
N ASP D 205 24.54 -7.75 1.76
CA ASP D 205 24.97 -9.03 2.37
C ASP D 205 23.81 -9.67 3.14
N PHE D 206 22.57 -9.23 2.88
CA PHE D 206 21.34 -9.92 3.33
C PHE D 206 20.85 -10.92 2.28
N LEU D 207 20.25 -12.01 2.74
CA LEU D 207 19.53 -12.99 1.90
C LEU D 207 18.15 -13.21 2.52
N MET D 208 17.10 -12.68 1.90
CA MET D 208 15.71 -12.86 2.38
C MET D 208 15.12 -14.08 1.66
N CYS D 209 14.64 -15.06 2.42
CA CYS D 209 14.11 -16.37 1.91
C CYS D 209 12.64 -16.46 2.28
N TYR D 210 11.79 -16.82 1.31
CA TYR D 210 10.30 -16.73 1.43
C TYR D 210 9.66 -18.05 1.02
N SER D 211 8.82 -18.59 1.92
CA SER D 211 7.94 -19.78 1.73
C SER D 211 7.17 -19.73 0.42
N VAL D 212 6.76 -18.54 -0.02
CA VAL D 212 5.74 -18.39 -1.11
C VAL D 212 5.81 -16.97 -1.68
N ALA D 213 5.56 -16.83 -2.98
CA ALA D 213 5.54 -15.55 -3.72
C ALA D 213 4.10 -15.10 -3.97
N GLU D 214 3.92 -13.82 -4.35
CA GLU D 214 2.60 -13.21 -4.69
C GLU D 214 1.83 -14.13 -5.64
N GLY D 215 0.53 -14.28 -5.43
CA GLY D 215 -0.38 -15.04 -6.30
C GLY D 215 -0.39 -16.52 -6.01
N TYR D 216 0.62 -17.08 -5.33
CA TYR D 216 0.72 -18.53 -5.04
C TYR D 216 0.21 -18.81 -3.63
N TYR D 217 0.31 -20.06 -3.17
CA TYR D 217 -0.29 -20.54 -1.90
C TYR D 217 0.77 -21.30 -1.09
N SER D 218 0.69 -21.17 0.23
CA SER D 218 1.56 -21.86 1.21
C SER D 218 0.82 -23.03 1.84
N HIS D 219 1.47 -24.19 1.91
CA HIS D 219 0.92 -25.46 2.44
C HIS D 219 1.63 -25.80 3.77
N ARG D 220 0.86 -26.18 4.80
CA ARG D 220 1.36 -26.71 6.09
C ARG D 220 0.58 -27.97 6.47
N GLU D 221 1.27 -29.12 6.55
CA GLU D 221 0.78 -30.42 7.08
C GLU D 221 0.79 -30.28 8.61
N THR D 222 -0.26 -30.73 9.31
CA THR D 222 -0.49 -30.41 10.75
C THR D 222 0.45 -31.19 11.67
N VAL D 223 1.20 -32.16 11.15
CA VAL D 223 2.16 -33.01 11.91
C VAL D 223 3.54 -32.85 11.28
N ASN D 224 3.62 -32.95 9.95
CA ASN D 224 4.90 -32.94 9.19
C ASN D 224 5.44 -31.53 9.01
N GLY D 225 4.56 -30.52 9.00
CA GLY D 225 4.93 -29.09 8.95
C GLY D 225 4.86 -28.51 7.55
N SER D 226 5.31 -27.25 7.41
CA SER D 226 5.23 -26.45 6.15
C SER D 226 6.02 -27.15 5.03
N TRP D 227 5.44 -27.17 3.82
CA TRP D 227 6.06 -27.76 2.61
C TRP D 227 7.44 -27.12 2.40
N TYR D 228 7.52 -25.80 2.46
CA TYR D 228 8.77 -24.99 2.31
C TYR D 228 9.85 -25.54 3.26
N ILE D 229 9.49 -25.64 4.55
CA ILE D 229 10.46 -25.94 5.64
C ILE D 229 10.88 -27.40 5.52
N GLN D 230 9.94 -28.29 5.18
CA GLN D 230 10.24 -29.73 4.97
C GLN D 230 11.34 -29.82 3.92
N ASP D 231 11.12 -29.19 2.77
CA ASP D 231 12.03 -29.30 1.59
C ASP D 231 13.31 -28.51 1.87
N LEU D 232 13.22 -27.36 2.55
CA LEU D 232 14.43 -26.61 2.97
C LEU D 232 15.31 -27.54 3.80
N CYS D 233 14.70 -28.18 4.80
CA CYS D 233 15.41 -29.02 5.80
C CYS D 233 15.93 -30.30 5.15
N GLU D 234 15.17 -30.90 4.21
CA GLU D 234 15.67 -32.09 3.47
C GLU D 234 16.97 -31.70 2.78
N MET D 235 16.97 -30.56 2.11
CA MET D 235 18.12 -30.10 1.29
C MET D 235 19.28 -29.70 2.21
N LEU D 236 18.99 -29.08 3.35
CA LEU D 236 20.05 -28.77 4.36
C LEU D 236 20.72 -30.09 4.78
N GLY D 237 19.92 -31.10 5.12
CA GLY D 237 20.40 -32.44 5.51
C GLY D 237 21.36 -33.00 4.49
N LYS D 238 20.93 -33.11 3.24
CA LYS D 238 21.70 -33.75 2.15
C LYS D 238 22.88 -32.86 1.73
N TYR D 239 22.66 -31.56 1.48
CA TYR D 239 23.61 -30.72 0.71
C TYR D 239 24.12 -29.50 1.50
N GLY D 240 23.57 -29.19 2.67
CA GLY D 240 23.91 -27.97 3.44
C GLY D 240 25.41 -27.69 3.48
N SER D 241 26.19 -28.73 3.78
CA SER D 241 27.65 -28.62 4.08
C SER D 241 28.52 -28.61 2.82
N SER D 242 27.97 -28.93 1.64
CA SER D 242 28.75 -28.96 0.36
C SER D 242 28.34 -27.80 -0.57
N LEU D 243 27.04 -27.57 -0.75
CA LEU D 243 26.52 -26.67 -1.81
C LEU D 243 26.51 -25.21 -1.36
N GLU D 244 26.69 -24.32 -2.34
CA GLU D 244 26.46 -22.86 -2.20
C GLU D 244 25.00 -22.66 -1.80
N PHE D 245 24.72 -21.73 -0.90
CA PHE D 245 23.42 -21.69 -0.18
C PHE D 245 22.31 -21.32 -1.17
N THR D 246 22.56 -20.42 -2.12
CA THR D 246 21.57 -20.01 -3.14
C THR D 246 21.33 -21.17 -4.10
N GLU D 247 22.37 -21.97 -4.42
CA GLU D 247 22.24 -23.21 -5.24
C GLU D 247 21.20 -24.11 -4.55
N LEU D 248 21.32 -24.23 -3.23
CA LEU D 248 20.47 -25.08 -2.37
C LEU D 248 19.04 -24.56 -2.40
N LEU D 249 18.86 -23.26 -2.10
CA LEU D 249 17.54 -22.60 -2.05
C LEU D 249 16.81 -22.80 -3.38
N THR D 250 17.57 -22.87 -4.49
CA THR D 250 17.05 -23.10 -5.86
C THR D 250 16.47 -24.50 -5.93
N LEU D 251 17.18 -25.50 -5.38
CA LEU D 251 16.68 -26.90 -5.27
C LEU D 251 15.36 -26.87 -4.51
N VAL D 252 15.28 -26.07 -3.45
CA VAL D 252 14.04 -25.96 -2.62
C VAL D 252 12.91 -25.44 -3.50
N ASN D 253 13.20 -24.47 -4.37
CA ASN D 253 12.20 -23.89 -5.29
C ASN D 253 11.72 -24.99 -6.24
N ARG D 254 12.63 -25.82 -6.75
CA ARG D 254 12.25 -26.96 -7.61
C ARG D 254 11.39 -27.91 -6.78
N LYS D 255 11.92 -28.43 -5.67
CA LYS D 255 11.27 -29.45 -4.82
C LYS D 255 9.82 -29.04 -4.56
N VAL D 256 9.59 -27.78 -4.22
CA VAL D 256 8.25 -27.27 -3.78
C VAL D 256 7.36 -27.02 -5.00
N SER D 257 7.88 -26.41 -6.07
CA SER D 257 7.09 -26.14 -7.29
C SER D 257 6.58 -27.47 -7.86
N GLN D 258 7.44 -28.50 -7.84
CA GLN D 258 7.17 -29.89 -8.31
C GLN D 258 6.09 -30.60 -7.47
N ARG D 259 5.84 -30.19 -6.22
CA ARG D 259 4.77 -30.81 -5.40
C ARG D 259 3.43 -30.67 -6.12
N ARG D 260 2.75 -31.80 -6.33
CA ARG D 260 1.46 -31.97 -7.05
C ARG D 260 0.31 -31.38 -6.22
N VAL D 261 -0.66 -30.76 -6.89
CA VAL D 261 -1.82 -30.10 -6.23
C VAL D 261 -3.07 -30.30 -7.10
N ASP D 262 -3.15 -31.44 -7.80
CA ASP D 262 -4.28 -31.80 -8.73
C ASP D 262 -5.22 -32.79 -8.02
N PHE D 263 -4.70 -33.85 -7.41
CA PHE D 263 -5.47 -34.86 -6.62
C PHE D 263 -5.32 -34.51 -5.13
N CYS D 264 -6.26 -33.73 -4.58
CA CYS D 264 -6.25 -33.19 -3.19
C CYS D 264 -7.50 -33.62 -2.42
N LYS D 265 -7.36 -33.99 -1.14
CA LYS D 265 -8.47 -34.40 -0.23
C LYS D 265 -9.56 -33.32 -0.22
N ASP D 266 -9.20 -32.07 0.04
CA ASP D 266 -10.12 -30.91 -0.08
C ASP D 266 -10.25 -30.58 -1.57
N PRO D 267 -11.49 -30.55 -2.15
CA PRO D 267 -11.68 -30.13 -3.54
C PRO D 267 -11.26 -28.68 -3.83
N SER D 268 -11.35 -27.79 -2.83
CA SER D 268 -11.11 -26.32 -2.94
C SER D 268 -9.62 -25.99 -2.88
N ALA D 269 -8.77 -26.95 -2.48
CA ALA D 269 -7.30 -26.81 -2.36
C ALA D 269 -6.60 -27.26 -3.64
N ILE D 270 -7.37 -27.51 -4.71
CA ILE D 270 -6.87 -28.03 -6.02
C ILE D 270 -6.39 -26.84 -6.86
N GLY D 271 -5.24 -27.00 -7.54
CA GLY D 271 -4.68 -26.02 -8.50
C GLY D 271 -4.02 -24.84 -7.82
N LYS D 272 -3.81 -24.91 -6.51
CA LYS D 272 -3.14 -23.88 -5.68
C LYS D 272 -1.67 -24.25 -5.53
N LYS D 273 -0.81 -23.87 -6.47
CA LYS D 273 0.62 -24.26 -6.48
C LYS D 273 1.36 -23.45 -5.41
N GLN D 274 2.49 -23.98 -4.96
CA GLN D 274 3.43 -23.23 -4.09
C GLN D 274 4.70 -22.96 -4.88
N VAL D 275 5.05 -21.68 -5.00
CA VAL D 275 6.34 -21.21 -5.59
C VAL D 275 7.04 -20.34 -4.56
N PRO D 276 8.09 -20.84 -3.90
CA PRO D 276 8.88 -20.00 -2.99
C PRO D 276 9.87 -19.20 -3.83
N CYS D 277 10.47 -18.19 -3.22
CA CYS D 277 11.55 -17.38 -3.82
C CYS D 277 12.56 -16.97 -2.74
N PHE D 278 13.59 -16.26 -3.18
CA PHE D 278 14.60 -15.59 -2.33
C PHE D 278 15.13 -14.35 -3.03
N ALA D 279 15.35 -13.30 -2.24
CA ALA D 279 15.91 -12.02 -2.69
C ALA D 279 17.35 -11.92 -2.18
N SER D 280 18.33 -12.21 -3.03
CA SER D 280 19.79 -12.18 -2.70
C SER D 280 20.27 -10.76 -2.85
N MET D 281 20.97 -10.27 -1.85
CA MET D 281 21.73 -9.01 -1.90
C MET D 281 23.14 -9.35 -1.44
N LEU D 282 23.45 -10.64 -1.48
CA LEU D 282 24.78 -11.22 -1.18
C LEU D 282 25.76 -10.69 -2.23
N THR D 283 27.04 -10.69 -1.90
CA THR D 283 28.11 -10.12 -2.74
C THR D 283 29.17 -11.19 -3.02
N LYS D 284 29.00 -12.39 -2.47
CA LYS D 284 29.99 -13.48 -2.59
C LYS D 284 29.26 -14.81 -2.53
N LYS D 285 29.95 -15.89 -2.88
CA LYS D 285 29.43 -17.28 -2.72
C LYS D 285 29.37 -17.56 -1.20
N LEU D 286 28.36 -18.32 -0.77
CA LEU D 286 28.11 -18.64 0.65
C LEU D 286 28.10 -20.15 0.80
N HIS D 287 29.06 -20.71 1.53
CA HIS D 287 29.18 -22.16 1.80
C HIS D 287 29.20 -22.38 3.31
N PHE D 288 28.60 -23.47 3.76
CA PHE D 288 28.58 -23.87 5.19
C PHE D 288 29.41 -25.15 5.35
N PHE D 289 30.66 -25.12 4.88
CA PHE D 289 31.63 -26.24 5.00
C PHE D 289 31.82 -26.57 6.48
N PRO D 290 31.97 -27.86 6.82
CA PRO D 290 32.17 -28.27 8.21
C PRO D 290 33.31 -27.49 8.83
N LYS D 291 33.12 -26.94 10.04
CA LYS D 291 34.16 -26.19 10.78
C LYS D 291 35.12 -27.19 11.46
N SER D 292 36.38 -26.78 11.62
CA SER D 292 37.47 -27.49 12.35
C SER D 292 37.22 -27.41 13.87
N ASN D 293 37.16 -28.57 14.54
CA ASN D 293 36.62 -28.72 15.92
C ASN D 293 35.12 -28.39 15.90
#